data_1Q2E
#
_entry.id   1Q2E
#
_cell.length_a   83.340
_cell.length_b   84.310
_cell.length_c   110.350
_cell.angle_alpha   90.00
_cell.angle_beta   90.00
_cell.angle_gamma   90.00
#
_symmetry.space_group_name_H-M   'P 21 21 2'
#
loop_
_entity.id
_entity.type
_entity.pdbx_description
1 polymer 'EXOCELLOBIOHYDROLASE I'
2 branched 'alpha-D-glucopyranose-(1-4)-alpha-D-glucopyranose-(1-4)-4-thio-beta-D-glucopyranose-(1-4)-methyl beta-D-glucopyranoside'
3 non-polymer 2-acetamido-2-deoxy-beta-D-glucopyranose
4 non-polymer 'CALCIUM ION'
5 water water
#
_entity_poly.entity_id   1
_entity_poly.type   'polypeptide(L)'
_entity_poly.pdbx_seq_one_letter_code
;(PCA)SACTLQSETHPPLTWQKCSSGGTCTQQTGSVVIDANWRWTHATNSSTNCYDGNTWSSTLCPDNETCAKNCCLDGA
AYASTYGVTTSGNSLSIDFVTQSAQKNVGARLYLMASDTTYQEFTLLGNEFSFDVDVSQLPCGLNGALYFVSMDADGGVS
KYPTNTAGAKYGTGYCDSQCPRDLKFINGQANVEGWEPSSNNANTGIGGHGSCCSEMDIWEANSISEALTPHPCTTVGQE
ICEGDGCGGGTCDPDGCDWNPYRLGNTSFYGPGSSFTLDTTKKLTVVTQFETSGAINRYYVQNGVTFQQPNAELGSYSGN
ELNDDYCTAEEAEFGGSSFSDKGGLTQFKKATSGGMVLVMSLWDDYYANMLWLDSTYPTNETSSTPGAVRGSCSTSSGVP
AQVESQSPNAKVTFSNIKFGPIGSTGNPSG
;
_entity_poly.pdbx_strand_id   A,B
#
# COMPACT_ATOMS: atom_id res chain seq x y z
N SER A 2 -10.62 30.33 -10.70
CA SER A 2 -11.42 31.38 -11.32
C SER A 2 -12.63 31.60 -10.42
N ALA A 3 -13.52 32.47 -10.85
CA ALA A 3 -14.72 32.75 -10.07
C ALA A 3 -15.96 32.31 -10.83
N CYS A 4 -16.94 31.78 -10.11
CA CYS A 4 -18.20 31.36 -10.71
C CYS A 4 -19.30 32.21 -10.09
N THR A 5 -20.46 32.23 -10.74
CA THR A 5 -21.55 33.06 -10.25
C THR A 5 -22.88 32.37 -9.99
N LEU A 6 -22.85 31.08 -9.64
CA LEU A 6 -24.10 30.38 -9.35
C LEU A 6 -24.73 31.09 -8.15
N GLN A 7 -23.89 31.69 -7.33
CA GLN A 7 -24.31 32.44 -6.16
C GLN A 7 -23.66 33.82 -6.25
N SER A 8 -24.47 34.87 -6.33
CA SER A 8 -23.94 36.22 -6.43
C SER A 8 -23.13 36.60 -5.19
N GLU A 9 -22.08 37.39 -5.42
CA GLU A 9 -21.20 37.85 -4.36
C GLU A 9 -21.45 39.33 -4.06
N THR A 10 -22.05 39.62 -2.90
CA THR A 10 -22.31 40.99 -2.49
C THR A 10 -21.67 41.23 -1.14
N HIS A 11 -20.55 41.94 -1.16
CA HIS A 11 -19.78 42.25 0.04
C HIS A 11 -20.54 43.14 1.01
N PRO A 12 -20.75 42.66 2.26
CA PRO A 12 -21.47 43.47 3.24
C PRO A 12 -20.73 44.79 3.46
N PRO A 13 -21.43 45.91 3.29
CA PRO A 13 -20.80 47.22 3.48
C PRO A 13 -20.36 47.48 4.92
N LEU A 14 -19.32 48.28 5.07
CA LEU A 14 -18.83 48.61 6.39
C LEU A 14 -18.11 49.95 6.34
N THR A 15 -18.53 50.90 7.18
CA THR A 15 -17.90 52.20 7.21
C THR A 15 -16.83 52.24 8.30
N TRP A 16 -15.86 53.13 8.11
CA TRP A 16 -14.79 53.33 9.08
C TRP A 16 -14.32 54.77 8.99
N GLN A 17 -13.57 55.21 9.99
CA GLN A 17 -13.09 56.59 10.03
C GLN A 17 -11.61 56.76 9.72
N LYS A 18 -11.29 57.77 8.90
CA LYS A 18 -9.89 58.08 8.59
C LYS A 18 -9.71 59.44 9.21
N CYS A 19 -8.80 59.53 10.18
CA CYS A 19 -8.55 60.77 10.88
C CYS A 19 -7.23 61.41 10.47
N SER A 20 -7.10 62.72 10.68
CA SER A 20 -5.88 63.42 10.31
C SER A 20 -5.24 64.09 11.51
N SER A 21 -3.96 64.41 11.39
CA SER A 21 -3.23 65.06 12.47
C SER A 21 -3.87 66.41 12.78
N GLY A 22 -4.60 66.94 11.82
CA GLY A 22 -5.28 68.23 12.00
C GLY A 22 -6.42 68.18 13.00
N GLY A 23 -6.84 66.98 13.41
CA GLY A 23 -7.91 66.87 14.38
C GLY A 23 -9.29 66.47 13.90
N THR A 24 -9.43 66.21 12.60
CA THR A 24 -10.73 65.80 12.08
C THR A 24 -10.72 64.38 11.51
N CYS A 25 -11.90 63.74 11.55
CA CYS A 25 -12.07 62.38 11.05
C CYS A 25 -13.18 62.42 10.00
N THR A 26 -12.99 61.70 8.91
CA THR A 26 -13.99 61.65 7.84
C THR A 26 -14.39 60.20 7.60
N GLN A 27 -15.68 59.97 7.34
CA GLN A 27 -16.18 58.62 7.13
C GLN A 27 -15.79 58.03 5.78
N GLN A 28 -15.29 56.80 5.82
CA GLN A 28 -14.88 56.08 4.62
C GLN A 28 -15.91 54.95 4.45
N THR A 29 -16.14 54.53 3.21
CA THR A 29 -17.09 53.45 2.97
C THR A 29 -16.41 52.27 2.29
N GLY A 30 -16.34 51.15 3.01
CA GLY A 30 -15.74 49.96 2.44
C GLY A 30 -16.72 48.81 2.52
N SER A 31 -16.19 47.60 2.62
CA SER A 31 -17.03 46.40 2.72
C SER A 31 -16.11 45.26 3.15
N VAL A 32 -16.71 44.11 3.45
CA VAL A 32 -15.91 42.96 3.85
C VAL A 32 -16.17 41.77 2.94
N VAL A 33 -15.14 40.95 2.75
CA VAL A 33 -15.25 39.76 1.92
C VAL A 33 -14.76 38.57 2.71
N ILE A 34 -15.38 37.41 2.50
CA ILE A 34 -14.97 36.22 3.24
C ILE A 34 -13.85 35.47 2.53
N ASP A 35 -12.92 34.94 3.31
CA ASP A 35 -11.79 34.18 2.81
C ASP A 35 -12.22 33.05 1.88
N ALA A 36 -11.42 32.81 0.84
CA ALA A 36 -11.71 31.77 -0.15
C ALA A 36 -11.90 30.37 0.42
N ASN A 37 -11.25 30.05 1.54
CA ASN A 37 -11.36 28.73 2.13
C ASN A 37 -12.77 28.37 2.60
N TRP A 38 -13.57 29.38 2.90
CA TRP A 38 -14.94 29.18 3.36
C TRP A 38 -15.91 28.98 2.22
N ARG A 39 -15.50 29.36 1.01
CA ARG A 39 -16.36 29.25 -0.16
C ARG A 39 -16.52 27.87 -0.73
N TRP A 40 -17.56 27.74 -1.55
CA TRP A 40 -17.86 26.50 -2.24
C TRP A 40 -16.94 26.49 -3.46
N THR A 41 -16.18 25.43 -3.61
CA THR A 41 -15.26 25.29 -4.74
C THR A 41 -15.82 24.18 -5.63
N HIS A 42 -16.21 24.54 -6.85
CA HIS A 42 -16.78 23.55 -7.77
C HIS A 42 -16.25 23.67 -9.19
N ALA A 43 -16.65 22.72 -10.03
CA ALA A 43 -16.22 22.71 -11.43
C ALA A 43 -16.73 23.98 -12.12
N THR A 44 -15.93 24.52 -13.03
CA THR A 44 -16.33 25.74 -13.73
C THR A 44 -17.55 25.54 -14.61
N ASN A 45 -17.78 24.31 -15.06
CA ASN A 45 -18.91 24.01 -15.94
C ASN A 45 -20.07 23.24 -15.29
N SER A 46 -20.05 23.08 -13.98
CA SER A 46 -21.13 22.36 -13.30
C SER A 46 -21.12 22.65 -11.80
N SER A 47 -22.01 22.00 -11.06
CA SER A 47 -22.08 22.17 -9.62
C SER A 47 -21.31 21.08 -8.90
N THR A 48 -20.57 20.27 -9.65
CA THR A 48 -19.78 19.20 -9.06
C THR A 48 -18.71 19.82 -8.16
N ASN A 49 -18.64 19.36 -6.92
CA ASN A 49 -17.67 19.89 -5.98
C ASN A 49 -16.24 19.49 -6.31
N CYS A 50 -15.30 20.41 -6.11
CA CYS A 50 -13.90 20.08 -6.33
C CYS A 50 -13.33 19.68 -4.98
N TYR A 51 -13.99 20.15 -3.92
CA TYR A 51 -13.60 19.86 -2.55
C TYR A 51 -14.87 19.68 -1.73
N ASP A 52 -14.90 18.66 -0.88
CA ASP A 52 -16.05 18.42 -0.01
C ASP A 52 -15.56 17.69 1.23
N GLY A 53 -16.07 18.11 2.39
CA GLY A 53 -15.61 17.49 3.62
C GLY A 53 -14.16 17.92 3.78
N ASN A 54 -13.24 16.95 3.79
CA ASN A 54 -11.83 17.29 3.91
C ASN A 54 -11.04 16.59 2.81
N THR A 55 -11.73 16.30 1.71
CA THR A 55 -11.13 15.61 0.57
C THR A 55 -11.35 16.34 -0.74
N TRP A 56 -10.37 16.24 -1.64
CA TRP A 56 -10.47 16.86 -2.97
C TRP A 56 -10.97 15.85 -3.99
N SER A 57 -11.56 16.35 -5.07
CA SER A 57 -12.02 15.51 -6.16
C SER A 57 -10.78 15.02 -6.90
N SER A 58 -10.55 13.72 -6.93
CA SER A 58 -9.38 13.17 -7.59
C SER A 58 -9.45 13.31 -9.12
N THR A 59 -10.66 13.46 -9.66
CA THR A 59 -10.80 13.60 -11.10
C THR A 59 -10.62 15.05 -11.54
N LEU A 60 -11.27 15.97 -10.82
CA LEU A 60 -11.16 17.39 -11.15
C LEU A 60 -9.83 17.97 -10.67
N CYS A 61 -9.28 17.37 -9.61
CA CYS A 61 -8.04 17.86 -9.03
C CYS A 61 -6.93 16.84 -8.86
N PRO A 62 -6.43 16.28 -9.98
CA PRO A 62 -5.35 15.28 -9.97
C PRO A 62 -4.02 15.90 -9.53
N ASP A 63 -3.87 17.19 -9.76
CA ASP A 63 -2.65 17.92 -9.40
C ASP A 63 -3.02 19.39 -9.19
N ASN A 64 -2.12 20.18 -8.61
CA ASN A 64 -2.42 21.59 -8.33
C ASN A 64 -2.79 22.46 -9.51
N GLU A 65 -2.10 22.28 -10.64
CA GLU A 65 -2.39 23.10 -11.82
C GLU A 65 -3.74 22.76 -12.46
N THR A 66 -3.95 21.49 -12.75
CA THR A 66 -5.19 21.03 -13.35
C THR A 66 -6.38 21.42 -12.49
N CYS A 67 -6.20 21.31 -11.18
CA CYS A 67 -7.26 21.66 -10.22
C CYS A 67 -7.64 23.13 -10.35
N ALA A 68 -6.64 24.01 -10.37
CA ALA A 68 -6.91 25.44 -10.49
C ALA A 68 -7.63 25.78 -11.79
N LYS A 69 -7.32 25.04 -12.85
CA LYS A 69 -7.96 25.27 -14.15
C LYS A 69 -9.41 24.81 -14.18
N ASN A 70 -9.66 23.63 -13.62
CA ASN A 70 -11.01 23.06 -13.61
C ASN A 70 -11.94 23.60 -12.55
N CYS A 71 -11.40 24.29 -11.55
CA CYS A 71 -12.21 24.78 -10.44
C CYS A 71 -12.35 26.28 -10.28
N CYS A 72 -13.44 26.69 -9.63
CA CYS A 72 -13.72 28.08 -9.36
C CYS A 72 -14.31 28.24 -7.96
N LEU A 73 -14.24 29.46 -7.44
CA LEU A 73 -14.77 29.79 -6.13
C LEU A 73 -16.08 30.51 -6.43
N ASP A 74 -17.14 30.19 -5.69
CA ASP A 74 -18.42 30.86 -5.95
C ASP A 74 -18.76 31.87 -4.87
N GLY A 75 -19.88 32.57 -5.06
CA GLY A 75 -20.31 33.58 -4.11
C GLY A 75 -20.74 33.04 -2.77
N ALA A 76 -20.89 33.94 -1.80
CA ALA A 76 -21.28 33.57 -0.46
C ALA A 76 -22.51 34.32 0.07
N ALA A 77 -23.41 33.59 0.70
CA ALA A 77 -24.59 34.20 1.31
C ALA A 77 -24.08 34.49 2.71
N TYR A 78 -23.57 35.71 2.90
CA TYR A 78 -22.98 36.09 4.17
C TYR A 78 -23.78 35.82 5.44
N ALA A 79 -25.03 36.27 5.48
CA ALA A 79 -25.86 36.07 6.66
C ALA A 79 -26.35 34.65 6.85
N SER A 80 -27.10 34.13 5.88
CA SER A 80 -27.67 32.80 5.99
C SER A 80 -26.68 31.63 6.04
N THR A 81 -25.55 31.74 5.34
CA THR A 81 -24.58 30.65 5.38
C THR A 81 -23.44 30.85 6.38
N TYR A 82 -22.89 32.06 6.41
CA TYR A 82 -21.74 32.34 7.27
C TYR A 82 -21.99 33.13 8.56
N GLY A 83 -23.21 33.56 8.80
CA GLY A 83 -23.52 34.31 10.00
C GLY A 83 -22.75 35.61 10.13
N VAL A 84 -22.50 36.25 8.99
CA VAL A 84 -21.77 37.52 8.95
C VAL A 84 -22.73 38.62 8.53
N THR A 85 -22.81 39.65 9.35
CA THR A 85 -23.69 40.79 9.07
C THR A 85 -23.00 42.09 9.43
N THR A 86 -23.44 43.17 8.81
CA THR A 86 -22.90 44.50 9.09
C THR A 86 -24.06 45.48 9.22
N SER A 87 -23.78 46.59 9.89
CA SER A 87 -24.77 47.65 10.08
C SER A 87 -23.99 48.91 10.41
N GLY A 88 -23.89 49.81 9.44
CA GLY A 88 -23.14 51.04 9.65
C GLY A 88 -21.67 50.70 9.80
N ASN A 89 -21.09 51.03 10.94
CA ASN A 89 -19.67 50.73 11.17
C ASN A 89 -19.50 49.50 12.06
N SER A 90 -20.57 48.71 12.19
CA SER A 90 -20.55 47.51 13.01
C SER A 90 -20.58 46.23 12.18
N LEU A 91 -19.81 45.25 12.62
CA LEU A 91 -19.71 43.95 11.96
C LEU A 91 -19.86 42.86 13.02
N SER A 92 -20.74 41.88 12.77
CA SER A 92 -20.93 40.79 13.71
C SER A 92 -20.70 39.45 13.01
N ILE A 93 -20.11 38.51 13.75
CA ILE A 93 -19.82 37.19 13.23
C ILE A 93 -20.33 36.16 14.24
N ASP A 94 -21.26 35.30 13.82
CA ASP A 94 -21.76 34.25 14.70
C ASP A 94 -20.82 33.06 14.65
N PHE A 95 -20.77 32.31 15.75
CA PHE A 95 -19.91 31.14 15.85
C PHE A 95 -20.40 29.99 14.98
N VAL A 96 -21.58 29.47 15.25
CA VAL A 96 -22.12 28.37 14.45
C VAL A 96 -23.36 28.79 13.67
N THR A 97 -23.36 28.51 12.37
CA THR A 97 -24.49 28.84 11.51
C THR A 97 -24.93 27.59 10.77
N GLN A 98 -26.21 27.27 10.87
CA GLN A 98 -26.77 26.09 10.23
C GLN A 98 -27.58 26.44 8.99
N SER A 99 -27.09 26.04 7.82
CA SER A 99 -27.79 26.26 6.57
C SER A 99 -27.97 24.88 5.97
N ALA A 100 -27.54 24.67 4.73
CA ALA A 100 -27.65 23.34 4.13
C ALA A 100 -26.48 22.54 4.68
N GLN A 101 -25.64 23.24 5.44
CA GLN A 101 -24.46 22.66 6.05
C GLN A 101 -24.12 23.45 7.31
N LYS A 102 -23.33 22.85 8.19
CA LYS A 102 -22.89 23.53 9.41
C LYS A 102 -21.64 24.34 9.09
N ASN A 103 -21.63 25.62 9.47
CA ASN A 103 -20.47 26.46 9.24
C ASN A 103 -19.97 26.97 10.58
N VAL A 104 -18.65 26.99 10.75
CA VAL A 104 -18.05 27.47 11.98
C VAL A 104 -17.18 28.70 11.72
N GLY A 105 -17.59 29.82 12.32
CA GLY A 105 -16.85 31.07 12.18
C GLY A 105 -16.63 31.58 10.76
N ALA A 106 -15.68 32.50 10.64
CA ALA A 106 -15.33 33.11 9.36
C ALA A 106 -14.08 33.96 9.51
N ARG A 107 -13.49 34.30 8.37
CA ARG A 107 -12.31 35.17 8.34
C ARG A 107 -12.66 36.16 7.23
N LEU A 108 -12.66 37.44 7.57
CA LEU A 108 -13.05 38.50 6.65
C LEU A 108 -11.96 39.55 6.44
N TYR A 109 -11.98 40.19 5.27
CA TYR A 109 -11.00 41.24 4.95
C TYR A 109 -11.73 42.51 4.56
N LEU A 110 -11.17 43.67 4.95
CA LEU A 110 -11.78 44.95 4.60
C LEU A 110 -11.36 45.31 3.18
N MET A 111 -12.35 45.66 2.35
CA MET A 111 -12.05 46.01 0.96
C MET A 111 -12.10 47.51 0.67
N ALA A 112 -11.37 47.91 -0.37
CA ALA A 112 -11.31 49.30 -0.81
C ALA A 112 -12.29 49.49 -1.96
N SER A 113 -12.53 48.41 -2.69
CA SER A 113 -13.47 48.38 -3.81
C SER A 113 -13.94 46.94 -3.87
N ASP A 114 -14.84 46.60 -4.78
CA ASP A 114 -15.32 45.23 -4.84
C ASP A 114 -14.28 44.24 -5.38
N THR A 115 -13.15 44.76 -5.84
CA THR A 115 -12.10 43.90 -6.38
C THR A 115 -10.72 44.12 -5.75
N THR A 116 -10.63 44.95 -4.73
CA THR A 116 -9.34 45.20 -4.09
C THR A 116 -9.44 45.35 -2.57
N TYR A 117 -8.38 44.93 -1.89
CA TYR A 117 -8.31 45.04 -0.43
C TYR A 117 -7.82 46.42 -0.03
N GLN A 118 -8.26 46.88 1.14
CA GLN A 118 -7.83 48.17 1.66
C GLN A 118 -6.48 47.94 2.34
N GLU A 119 -5.45 48.68 1.92
CA GLU A 119 -4.14 48.54 2.53
C GLU A 119 -3.94 49.67 3.54
N PHE A 120 -3.32 49.34 4.68
CA PHE A 120 -3.04 50.33 5.72
C PHE A 120 -1.55 50.33 6.03
N THR A 121 -0.99 51.52 6.21
CA THR A 121 0.41 51.65 6.58
C THR A 121 0.33 52.00 8.06
N LEU A 122 0.65 51.03 8.91
CA LEU A 122 0.56 51.22 10.35
C LEU A 122 1.61 52.09 11.01
N LEU A 123 2.84 52.06 10.52
CA LEU A 123 3.90 52.85 11.15
C LEU A 123 3.61 54.34 11.20
N GLY A 124 3.72 54.90 12.40
CA GLY A 124 3.46 56.31 12.61
C GLY A 124 1.98 56.58 12.84
N ASN A 125 1.17 55.54 12.73
CA ASN A 125 -0.27 55.69 12.91
C ASN A 125 -0.82 54.83 14.05
N GLU A 126 -2.11 54.98 14.31
CA GLU A 126 -2.78 54.21 15.35
C GLU A 126 -4.09 53.68 14.80
N PHE A 127 -4.52 52.54 15.34
CA PHE A 127 -5.74 51.91 14.91
C PHE A 127 -6.65 51.80 16.14
N SER A 128 -7.90 52.22 15.99
CA SER A 128 -8.85 52.14 17.08
C SER A 128 -10.11 51.41 16.64
N PHE A 129 -10.70 50.66 17.56
CA PHE A 129 -11.93 49.94 17.27
C PHE A 129 -12.62 49.60 18.59
N ASP A 130 -13.91 49.34 18.50
CA ASP A 130 -14.71 48.95 19.67
C ASP A 130 -14.99 47.47 19.47
N VAL A 131 -15.14 46.73 20.56
CA VAL A 131 -15.44 45.32 20.44
C VAL A 131 -16.29 44.87 21.61
N ASP A 132 -17.19 43.94 21.35
CA ASP A 132 -18.05 43.37 22.36
C ASP A 132 -17.66 41.90 22.36
N VAL A 133 -17.02 41.45 23.43
CA VAL A 133 -16.57 40.06 23.55
C VAL A 133 -17.40 39.29 24.57
N SER A 134 -18.50 39.90 25.02
CA SER A 134 -19.34 39.29 26.03
C SER A 134 -19.87 37.90 25.69
N GLN A 135 -20.05 37.63 24.40
CA GLN A 135 -20.56 36.33 23.98
C GLN A 135 -19.46 35.39 23.49
N LEU A 136 -18.24 35.61 23.98
CA LEU A 136 -17.11 34.77 23.60
C LEU A 136 -16.58 34.04 24.83
N PRO A 137 -17.00 32.79 25.03
CA PRO A 137 -16.57 31.99 26.18
C PRO A 137 -15.19 31.38 25.96
N CYS A 138 -14.72 30.65 26.97
CA CYS A 138 -13.44 29.96 26.90
C CYS A 138 -13.38 29.17 25.60
N GLY A 139 -12.21 29.13 24.96
CA GLY A 139 -12.08 28.36 23.73
C GLY A 139 -12.31 29.10 22.43
N LEU A 140 -12.86 30.31 22.51
CA LEU A 140 -13.10 31.08 21.28
C LEU A 140 -12.15 32.25 21.15
N ASN A 141 -11.95 32.70 19.91
CA ASN A 141 -11.07 33.82 19.63
C ASN A 141 -11.68 34.75 18.60
N GLY A 142 -12.06 35.95 19.03
CA GLY A 142 -12.58 36.94 18.12
C GLY A 142 -11.35 37.76 17.82
N ALA A 143 -10.87 37.72 16.58
CA ALA A 143 -9.63 38.42 16.27
C ALA A 143 -9.71 39.54 15.25
N LEU A 144 -8.91 40.57 15.48
CA LEU A 144 -8.81 41.69 14.56
C LEU A 144 -7.30 41.86 14.41
N TYR A 145 -6.81 41.73 13.18
CA TYR A 145 -5.39 41.83 12.95
C TYR A 145 -5.04 42.27 11.54
N PHE A 146 -3.73 42.40 11.28
CA PHE A 146 -3.25 42.80 9.97
C PHE A 146 -2.23 41.80 9.43
N VAL A 147 -2.22 41.63 8.12
CA VAL A 147 -1.29 40.73 7.45
C VAL A 147 -0.82 41.39 6.16
N SER A 148 0.41 41.09 5.77
CA SER A 148 0.98 41.68 4.56
C SER A 148 0.58 40.95 3.28
N MET A 149 -0.70 41.07 2.92
CA MET A 149 -1.25 40.44 1.72
C MET A 149 -1.22 41.45 0.56
N ASP A 150 -1.30 40.95 -0.67
CA ASP A 150 -1.34 41.83 -1.82
C ASP A 150 -2.74 42.39 -1.95
N ALA A 151 -2.85 43.64 -2.39
CA ALA A 151 -4.13 44.31 -2.54
C ALA A 151 -5.08 43.58 -3.49
N ASP A 152 -4.53 42.92 -4.51
CA ASP A 152 -5.36 42.20 -5.47
C ASP A 152 -5.59 40.73 -5.15
N GLY A 153 -5.14 40.29 -3.98
CA GLY A 153 -5.34 38.90 -3.60
C GLY A 153 -4.38 37.95 -4.30
N GLY A 154 -3.38 38.51 -4.97
CA GLY A 154 -2.39 37.69 -5.66
C GLY A 154 -2.52 37.54 -7.16
N VAL A 155 -3.53 38.19 -7.76
CA VAL A 155 -3.77 38.09 -9.20
C VAL A 155 -2.62 38.51 -10.12
N SER A 156 -2.02 39.67 -9.88
CA SER A 156 -0.94 40.14 -10.74
C SER A 156 0.26 39.19 -10.77
N LYS A 157 0.57 38.59 -9.64
CA LYS A 157 1.71 37.68 -9.55
C LYS A 157 1.41 36.28 -10.05
N TYR A 158 0.15 35.85 -9.93
CA TYR A 158 -0.28 34.52 -10.34
C TYR A 158 -1.55 34.58 -11.17
N PRO A 159 -1.41 34.79 -12.49
CA PRO A 159 -2.51 34.90 -13.46
C PRO A 159 -3.55 33.79 -13.43
N THR A 160 -3.16 32.60 -12.98
CA THR A 160 -4.10 31.48 -12.91
C THR A 160 -5.15 31.72 -11.82
N ASN A 161 -4.94 32.76 -11.02
CA ASN A 161 -5.89 33.15 -10.00
C ASN A 161 -6.59 34.37 -10.57
N THR A 162 -7.82 34.19 -11.03
CA THR A 162 -8.58 35.28 -11.61
C THR A 162 -9.71 35.73 -10.69
N ALA A 163 -9.92 35.00 -9.60
CA ALA A 163 -10.96 35.32 -8.63
C ALA A 163 -10.54 36.54 -7.82
N GLY A 164 -9.30 36.51 -7.35
CA GLY A 164 -8.76 37.63 -6.58
C GLY A 164 -9.41 38.01 -5.26
N ALA A 165 -9.15 39.25 -4.86
CA ALA A 165 -9.67 39.82 -3.63
C ALA A 165 -11.20 39.80 -3.52
N LYS A 166 -11.88 39.88 -4.67
CA LYS A 166 -13.34 39.88 -4.67
C LYS A 166 -13.86 38.57 -4.07
N TYR A 167 -13.02 37.53 -4.10
CA TYR A 167 -13.39 36.24 -3.55
C TYR A 167 -12.48 35.79 -2.41
N GLY A 168 -11.85 36.76 -1.76
CA GLY A 168 -10.99 36.49 -0.62
C GLY A 168 -9.77 35.61 -0.81
N THR A 169 -9.10 35.72 -1.95
CA THR A 169 -7.91 34.92 -2.20
C THR A 169 -6.67 35.63 -1.68
N GLY A 170 -5.56 34.88 -1.60
CA GLY A 170 -4.29 35.46 -1.20
C GLY A 170 -3.91 35.54 0.27
N TYR A 171 -4.64 34.88 1.16
CA TYR A 171 -4.30 34.95 2.58
C TYR A 171 -2.89 34.48 2.85
N CYS A 172 -2.36 34.94 3.98
CA CYS A 172 -1.04 34.59 4.44
C CYS A 172 -0.88 35.16 5.84
N ASP A 173 -0.16 34.46 6.71
CA ASP A 173 0.12 34.99 8.04
C ASP A 173 1.38 34.32 8.61
N SER A 174 1.75 34.69 9.83
CA SER A 174 2.97 34.18 10.43
C SER A 174 2.98 32.70 10.79
N GLN A 175 1.85 32.03 10.56
CA GLN A 175 1.74 30.61 10.86
C GLN A 175 2.02 29.82 9.57
N CYS A 176 2.18 30.53 8.45
CA CYS A 176 2.45 29.88 7.16
C CYS A 176 1.43 28.75 6.98
N PRO A 177 0.13 29.08 7.09
CA PRO A 177 -0.98 28.13 6.97
C PRO A 177 -0.97 27.24 5.72
N ARG A 178 -1.01 25.93 5.96
CA ARG A 178 -1.02 24.95 4.89
C ARG A 178 -2.43 24.41 4.62
N ASP A 179 -3.40 24.91 5.39
CA ASP A 179 -4.78 24.46 5.23
C ASP A 179 -5.48 25.18 4.08
N LEU A 180 -4.79 26.15 3.47
CA LEU A 180 -5.35 26.88 2.34
C LEU A 180 -5.48 25.96 1.12
N LYS A 181 -6.65 25.98 0.51
CA LYS A 181 -6.91 25.13 -0.64
C LYS A 181 -6.33 25.70 -1.94
N PHE A 182 -6.08 27.00 -1.96
CA PHE A 182 -5.50 27.66 -3.12
C PHE A 182 -4.42 28.63 -2.68
N ILE A 183 -3.25 28.52 -3.28
CA ILE A 183 -2.11 29.38 -2.97
C ILE A 183 -1.36 29.66 -4.26
N ASN A 184 -1.05 30.94 -4.51
CA ASN A 184 -0.29 31.32 -5.70
C ASN A 184 -0.93 30.86 -7.03
N GLY A 185 -2.25 30.96 -7.11
CA GLY A 185 -2.95 30.58 -8.34
C GLY A 185 -3.01 29.10 -8.66
N GLN A 186 -2.62 28.27 -7.70
CA GLN A 186 -2.65 26.82 -7.87
C GLN A 186 -3.38 26.22 -6.67
N ALA A 187 -3.90 25.01 -6.83
CA ALA A 187 -4.58 24.36 -5.73
C ALA A 187 -3.49 23.86 -4.80
N ASN A 188 -3.90 23.25 -3.69
CA ASN A 188 -2.94 22.73 -2.72
C ASN A 188 -3.25 21.27 -2.44
N VAL A 189 -3.88 20.62 -3.42
CA VAL A 189 -4.26 19.20 -3.32
C VAL A 189 -3.06 18.27 -3.23
N GLU A 190 -1.96 18.62 -3.90
CA GLU A 190 -0.77 17.79 -3.85
C GLU A 190 -0.24 17.70 -2.41
N GLY A 191 -0.11 16.47 -1.92
CA GLY A 191 0.38 16.25 -0.57
C GLY A 191 -0.68 16.47 0.49
N TRP A 192 -1.93 16.57 0.07
CA TRP A 192 -3.04 16.81 0.99
C TRP A 192 -3.31 15.68 1.97
N GLU A 193 -3.51 16.07 3.23
CA GLU A 193 -3.79 15.14 4.32
C GLU A 193 -4.97 15.67 5.13
N PRO A 194 -6.06 14.89 5.20
CA PRO A 194 -7.24 15.32 5.96
C PRO A 194 -6.91 15.52 7.44
N SER A 195 -7.58 16.48 8.07
CA SER A 195 -7.34 16.72 9.49
C SER A 195 -7.84 15.50 10.24
N SER A 196 -7.23 15.24 11.39
CA SER A 196 -7.63 14.10 12.21
C SER A 196 -8.87 14.43 13.02
N ASN A 197 -9.15 15.72 13.23
CA ASN A 197 -10.30 16.10 14.04
C ASN A 197 -11.26 17.14 13.46
N ASN A 198 -10.92 17.73 12.31
CA ASN A 198 -11.78 18.72 11.69
C ASN A 198 -12.31 18.15 10.38
N ALA A 199 -13.59 17.80 10.34
CA ALA A 199 -14.20 17.22 9.15
C ALA A 199 -14.17 18.11 7.90
N ASN A 200 -13.90 19.40 8.08
CA ASN A 200 -13.87 20.32 6.93
C ASN A 200 -12.49 20.77 6.47
N THR A 201 -11.43 20.38 7.17
CA THR A 201 -10.11 20.86 6.80
C THR A 201 -9.01 19.82 6.64
N GLY A 202 -7.93 20.24 6.00
CA GLY A 202 -6.79 19.38 5.78
C GLY A 202 -5.50 20.18 5.68
N ILE A 203 -4.42 19.50 5.33
CA ILE A 203 -3.09 20.12 5.21
C ILE A 203 -2.49 19.77 3.86
N GLY A 204 -2.18 20.80 3.07
CA GLY A 204 -1.58 20.58 1.77
C GLY A 204 -0.07 20.65 1.80
N GLY A 205 0.57 20.35 0.68
CA GLY A 205 2.03 20.39 0.61
C GLY A 205 2.63 21.78 0.68
N HIS A 206 1.81 22.81 0.53
CA HIS A 206 2.32 24.18 0.57
C HIS A 206 1.58 25.05 1.59
N GLY A 207 2.23 26.15 1.96
CA GLY A 207 1.64 27.10 2.91
C GLY A 207 1.84 28.51 2.41
N SER A 208 1.22 29.50 3.04
CA SER A 208 1.36 30.89 2.62
C SER A 208 1.81 31.75 3.79
N CYS A 209 3.05 32.24 3.71
CA CYS A 209 3.67 33.04 4.76
C CYS A 209 3.70 34.55 4.54
N CYS A 210 3.73 35.29 5.65
CA CYS A 210 3.85 36.76 5.63
C CYS A 210 3.70 37.36 7.01
N SER A 211 4.22 38.57 7.17
CA SER A 211 4.17 39.31 8.42
C SER A 211 2.74 39.43 8.93
N GLU A 212 2.59 39.33 10.26
CA GLU A 212 1.27 39.40 10.88
C GLU A 212 1.27 40.23 12.16
N MET A 213 0.39 41.21 12.23
CA MET A 213 0.26 42.06 13.40
C MET A 213 -1.06 41.74 14.10
N ASP A 214 -1.01 40.93 15.15
CA ASP A 214 -2.22 40.58 15.87
C ASP A 214 -2.55 41.63 16.90
N ILE A 215 -3.32 42.62 16.48
CA ILE A 215 -3.72 43.70 17.38
C ILE A 215 -4.61 43.14 18.46
N TRP A 216 -5.51 42.23 18.06
CA TRP A 216 -6.47 41.69 18.99
C TRP A 216 -6.84 40.23 18.77
N GLU A 217 -6.58 39.42 19.79
CA GLU A 217 -6.95 38.00 19.80
C GLU A 217 -7.51 37.84 21.20
N ALA A 218 -8.80 37.56 21.32
CA ALA A 218 -9.39 37.47 22.64
C ALA A 218 -10.82 36.95 22.71
N ASN A 219 -11.24 36.75 23.95
CA ASN A 219 -12.60 36.34 24.27
C ASN A 219 -12.92 37.11 25.55
N SER A 220 -13.97 36.71 26.26
CA SER A 220 -14.36 37.43 27.48
C SER A 220 -13.43 37.18 28.67
N ILE A 221 -12.50 36.23 28.52
CA ILE A 221 -11.58 35.89 29.61
C ILE A 221 -10.16 36.45 29.44
N SER A 222 -9.61 36.35 28.24
CA SER A 222 -8.27 36.82 27.97
C SER A 222 -8.12 37.55 26.63
N GLU A 223 -7.10 38.38 26.53
CA GLU A 223 -6.81 39.14 25.32
C GLU A 223 -5.29 39.25 25.15
N ALA A 224 -4.83 39.27 23.90
CA ALA A 224 -3.40 39.38 23.61
C ALA A 224 -3.11 40.25 22.40
N LEU A 225 -1.96 40.94 22.47
CA LEU A 225 -1.45 41.84 21.43
C LEU A 225 -0.15 41.21 20.98
N THR A 226 -0.02 40.89 19.69
CA THR A 226 1.18 40.19 19.25
C THR A 226 1.75 40.40 17.85
N PRO A 227 2.92 41.06 17.73
CA PRO A 227 3.55 41.29 16.43
C PRO A 227 4.30 39.99 16.02
N HIS A 228 4.27 39.64 14.74
CA HIS A 228 4.93 38.43 14.21
C HIS A 228 5.79 38.74 12.97
N PRO A 229 7.12 38.84 13.12
CA PRO A 229 8.00 39.12 11.98
C PRO A 229 8.30 37.88 11.11
N CYS A 230 8.73 38.13 9.87
CA CYS A 230 9.10 37.09 8.90
C CYS A 230 10.29 37.61 8.11
N THR A 231 11.22 36.73 7.72
CA THR A 231 12.40 37.14 6.97
C THR A 231 12.02 37.66 5.58
N THR A 232 10.85 37.26 5.11
CA THR A 232 10.31 37.74 3.85
C THR A 232 9.06 38.45 4.34
N VAL A 233 9.06 39.76 4.25
CA VAL A 233 7.96 40.60 4.74
C VAL A 233 6.58 40.25 4.18
N GLY A 234 6.46 40.23 2.85
CA GLY A 234 5.19 39.95 2.23
C GLY A 234 4.85 38.50 2.00
N GLN A 235 3.75 38.28 1.28
CA GLN A 235 3.25 36.94 0.97
C GLN A 235 4.28 36.13 0.22
N GLU A 236 4.51 34.91 0.69
CA GLU A 236 5.46 34.01 0.05
C GLU A 236 5.08 32.57 0.36
N ILE A 237 5.11 31.73 -0.66
CA ILE A 237 4.76 30.33 -0.49
C ILE A 237 5.88 29.56 0.22
N CYS A 238 5.51 28.49 0.91
CA CYS A 238 6.47 27.65 1.63
C CYS A 238 6.14 26.20 1.32
N GLU A 239 7.09 25.28 1.54
CA GLU A 239 6.86 23.89 1.25
C GLU A 239 7.14 22.94 2.41
N GLY A 240 6.19 22.04 2.67
CA GLY A 240 6.35 21.07 3.74
C GLY A 240 6.84 21.63 5.06
N ASP A 241 7.81 20.95 5.67
CA ASP A 241 8.35 21.38 6.96
C ASP A 241 8.98 22.76 6.93
N GLY A 242 9.28 23.25 5.73
CA GLY A 242 9.87 24.58 5.62
C GLY A 242 8.89 25.61 6.16
N CYS A 243 7.62 25.24 6.19
CA CYS A 243 6.56 26.11 6.68
C CYS A 243 6.57 26.19 8.20
N GLY A 244 7.28 25.25 8.83
CA GLY A 244 7.34 25.23 10.28
C GLY A 244 8.41 26.11 10.90
N GLY A 245 8.25 27.43 10.74
CA GLY A 245 9.22 28.36 11.31
C GLY A 245 10.45 28.59 10.47
N GLY A 246 10.37 28.31 9.18
CA GLY A 246 11.52 28.51 8.32
C GLY A 246 11.76 29.97 8.02
N THR A 247 10.70 30.74 7.86
CA THR A 247 10.83 32.16 7.54
C THR A 247 10.02 33.08 8.46
N CYS A 248 8.98 32.54 9.07
CA CYS A 248 8.13 33.33 9.95
C CYS A 248 8.19 32.91 11.40
N ASP A 249 7.81 33.84 12.27
CA ASP A 249 7.76 33.61 13.70
C ASP A 249 6.30 33.38 14.11
N PRO A 250 5.90 32.11 14.27
CA PRO A 250 4.54 31.73 14.65
C PRO A 250 4.17 32.04 16.11
N ASP A 251 5.17 32.27 16.96
CA ASP A 251 4.91 32.56 18.37
C ASP A 251 4.71 34.05 18.63
N GLY A 252 5.63 34.86 18.10
CA GLY A 252 5.55 36.30 18.27
C GLY A 252 5.88 36.82 19.66
N CYS A 253 5.96 38.13 19.78
CA CYS A 253 6.23 38.79 21.06
C CYS A 253 4.87 39.20 21.59
N ASP A 254 4.22 38.28 22.29
CA ASP A 254 2.88 38.49 22.81
C ASP A 254 2.80 39.22 24.13
N TRP A 255 1.77 40.04 24.26
CA TRP A 255 1.53 40.78 25.49
C TRP A 255 0.09 40.49 25.93
N ASN A 256 -0.05 39.65 26.94
CA ASN A 256 -1.34 39.27 27.51
C ASN A 256 -1.26 39.78 28.95
N PRO A 257 -2.04 40.83 29.30
CA PRO A 257 -1.99 41.36 30.67
C PRO A 257 -2.11 40.32 31.77
N TYR A 258 -2.96 39.32 31.57
CA TYR A 258 -3.17 38.27 32.55
C TYR A 258 -1.92 37.40 32.69
N ARG A 259 -1.35 37.01 31.56
CA ARG A 259 -0.15 36.18 31.54
C ARG A 259 1.02 36.90 32.22
N LEU A 260 1.05 38.23 32.10
CA LEU A 260 2.12 39.03 32.69
C LEU A 260 1.94 39.33 34.18
N GLY A 261 0.82 38.91 34.76
CA GLY A 261 0.61 39.14 36.18
C GLY A 261 -0.64 39.86 36.65
N ASN A 262 -1.22 40.70 35.81
CA ASN A 262 -2.42 41.43 36.24
C ASN A 262 -3.68 40.64 35.88
N THR A 263 -4.13 39.82 36.82
CA THR A 263 -5.32 38.99 36.61
C THR A 263 -6.63 39.72 36.90
N SER A 264 -6.54 41.01 37.20
CA SER A 264 -7.73 41.81 37.52
C SER A 264 -8.06 42.86 36.48
N PHE A 265 -7.25 42.93 35.43
CA PHE A 265 -7.46 43.95 34.40
C PHE A 265 -8.55 43.71 33.38
N TYR A 266 -8.66 42.48 32.89
CA TYR A 266 -9.60 42.14 31.83
C TYR A 266 -10.43 40.91 32.18
N GLY A 267 -11.75 41.09 32.31
CA GLY A 267 -12.60 39.96 32.65
C GLY A 267 -14.07 40.30 32.78
N PRO A 268 -14.94 39.28 32.91
CA PRO A 268 -16.39 39.43 33.03
C PRO A 268 -16.86 40.00 34.35
N GLY A 269 -17.48 41.18 34.31
CA GLY A 269 -17.99 41.75 35.54
C GLY A 269 -17.27 42.97 36.07
N SER A 270 -17.86 43.55 37.12
CA SER A 270 -17.30 44.74 37.74
C SER A 270 -16.09 44.47 38.62
N SER A 271 -15.66 43.21 38.70
CA SER A 271 -14.48 42.90 39.51
C SER A 271 -13.21 43.13 38.70
N PHE A 272 -13.37 43.52 37.44
CA PHE A 272 -12.23 43.79 36.57
C PHE A 272 -12.16 45.24 36.11
N THR A 273 -10.94 45.71 35.83
CA THR A 273 -10.73 47.08 35.37
C THR A 273 -11.58 47.30 34.13
N LEU A 274 -11.51 46.35 33.20
CA LEU A 274 -12.30 46.39 31.98
C LEU A 274 -13.31 45.27 32.10
N ASP A 275 -14.60 45.63 32.08
CA ASP A 275 -15.71 44.69 32.20
C ASP A 275 -16.00 44.11 30.81
N THR A 276 -15.66 42.86 30.59
CA THR A 276 -15.88 42.26 29.27
C THR A 276 -17.32 41.90 28.93
N THR A 277 -18.25 42.16 29.84
CA THR A 277 -19.65 41.89 29.53
C THR A 277 -20.20 43.10 28.77
N LYS A 278 -19.38 44.16 28.70
CA LYS A 278 -19.77 45.38 28.01
C LYS A 278 -18.73 45.76 26.95
N LYS A 279 -19.16 46.56 25.99
CA LYS A 279 -18.27 46.98 24.91
C LYS A 279 -17.12 47.84 25.42
N LEU A 280 -15.98 47.72 24.74
CA LEU A 280 -14.80 48.51 25.12
C LEU A 280 -14.05 48.98 23.88
N THR A 281 -13.25 50.04 24.04
CA THR A 281 -12.47 50.60 22.96
C THR A 281 -11.00 50.25 23.14
N VAL A 282 -10.38 49.77 22.06
CA VAL A 282 -8.98 49.37 22.06
C VAL A 282 -8.21 50.20 21.04
N VAL A 283 -7.17 50.91 21.49
CA VAL A 283 -6.37 51.75 20.60
C VAL A 283 -4.92 51.27 20.61
N THR A 284 -4.35 51.10 19.42
CA THR A 284 -2.98 50.60 19.31
C THR A 284 -2.16 51.55 18.43
N GLN A 285 -1.04 52.00 18.97
CA GLN A 285 -0.18 52.96 18.29
C GLN A 285 1.17 52.37 17.89
N PHE A 286 1.57 52.64 16.65
CA PHE A 286 2.83 52.13 16.13
C PHE A 286 3.84 53.25 15.93
N GLU A 287 4.51 53.66 17.00
CA GLU A 287 5.50 54.74 16.91
C GLU A 287 6.64 54.37 15.98
N THR A 288 7.28 55.39 15.41
CA THR A 288 8.37 55.18 14.45
C THR A 288 9.58 54.40 14.95
N SER A 289 9.76 54.28 16.27
CA SER A 289 10.90 53.55 16.80
C SER A 289 10.70 52.04 16.56
N GLY A 290 9.44 51.65 16.37
CA GLY A 290 9.15 50.25 16.15
C GLY A 290 8.40 49.65 17.32
N ALA A 291 8.32 50.40 18.41
CA ALA A 291 7.61 49.94 19.62
C ALA A 291 6.10 50.08 19.40
N ILE A 292 5.33 49.40 20.24
CA ILE A 292 3.88 49.46 20.13
C ILE A 292 3.27 49.86 21.47
N ASN A 293 2.42 50.87 21.45
CA ASN A 293 1.77 51.35 22.65
C ASN A 293 0.27 51.04 22.57
N ARG A 294 -0.33 50.89 23.75
CA ARG A 294 -1.74 50.52 23.84
C ARG A 294 -2.48 51.16 24.99
N TYR A 295 -3.73 51.53 24.76
CA TYR A 295 -4.57 52.05 25.82
C TYR A 295 -6.00 51.66 25.50
N TYR A 296 -6.86 51.65 26.51
CA TYR A 296 -8.26 51.25 26.34
C TYR A 296 -9.20 52.31 26.89
N VAL A 297 -10.44 52.28 26.43
CA VAL A 297 -11.44 53.21 26.92
C VAL A 297 -12.76 52.50 27.13
N GLN A 298 -13.35 52.65 28.31
CA GLN A 298 -14.64 52.04 28.58
C GLN A 298 -15.43 52.96 29.51
N ASN A 299 -16.65 53.28 29.09
CA ASN A 299 -17.52 54.16 29.84
C ASN A 299 -16.82 55.50 30.08
N GLY A 300 -16.05 55.94 29.09
CA GLY A 300 -15.36 57.22 29.20
C GLY A 300 -14.10 57.25 30.04
N VAL A 301 -13.70 56.11 30.61
CA VAL A 301 -12.50 56.06 31.43
C VAL A 301 -11.37 55.47 30.60
N THR A 302 -10.21 56.12 30.65
CA THR A 302 -9.05 55.68 29.88
C THR A 302 -8.03 54.93 30.73
N PHE A 303 -7.53 53.83 30.17
CA PHE A 303 -6.55 52.98 30.83
C PHE A 303 -5.40 52.65 29.88
N GLN A 304 -4.18 52.98 30.26
CA GLN A 304 -3.03 52.66 29.42
C GLN A 304 -2.85 51.16 29.62
N GLN A 305 -2.12 50.50 28.73
CA GLN A 305 -1.83 49.08 28.90
C GLN A 305 -1.26 48.99 30.31
N PRO A 306 -1.74 48.04 31.13
CA PRO A 306 -1.20 47.93 32.49
C PRO A 306 0.31 47.66 32.56
N ASN A 307 0.94 48.19 33.60
CA ASN A 307 2.37 48.01 33.82
C ASN A 307 2.71 46.55 34.08
N ALA A 308 3.87 46.13 33.59
CA ALA A 308 4.31 44.76 33.79
C ALA A 308 5.80 44.77 34.11
N GLU A 309 6.21 43.82 34.94
CA GLU A 309 7.60 43.67 35.33
C GLU A 309 7.96 42.25 34.94
N LEU A 310 8.97 42.13 34.09
CA LEU A 310 9.41 40.82 33.62
C LEU A 310 10.91 40.89 33.49
N GLY A 311 11.61 40.18 34.38
CA GLY A 311 13.05 40.21 34.34
C GLY A 311 13.50 41.63 34.63
N SER A 312 14.37 42.18 33.78
CA SER A 312 14.87 43.54 33.95
C SER A 312 13.97 44.58 33.27
N TYR A 313 12.90 44.11 32.65
CA TYR A 313 11.97 45.02 31.98
C TYR A 313 10.86 45.49 32.91
N SER A 314 10.47 46.74 32.75
CA SER A 314 9.39 47.34 33.54
C SER A 314 8.75 48.44 32.71
N GLY A 315 7.43 48.35 32.55
CA GLY A 315 6.73 49.35 31.76
C GLY A 315 5.46 48.80 31.15
N ASN A 316 4.84 49.57 30.25
CA ASN A 316 3.62 49.12 29.60
C ASN A 316 3.72 49.20 28.08
N GLU A 317 4.92 49.43 27.58
CA GLU A 317 5.17 49.52 26.15
C GLU A 317 5.77 48.24 25.58
N LEU A 318 5.24 47.78 24.46
CA LEU A 318 5.77 46.58 23.82
C LEU A 318 6.93 47.02 22.95
N ASN A 319 8.14 46.93 23.51
CA ASN A 319 9.36 47.33 22.81
C ASN A 319 10.43 46.24 22.81
N ASP A 320 11.60 46.54 22.25
CA ASP A 320 12.66 45.54 22.20
C ASP A 320 13.08 44.99 23.55
N ASP A 321 13.13 45.84 24.58
CA ASP A 321 13.50 45.34 25.89
C ASP A 321 12.47 44.36 26.42
N TYR A 322 11.19 44.65 26.16
CA TYR A 322 10.14 43.74 26.60
C TYR A 322 10.25 42.39 25.90
N CYS A 323 10.34 42.42 24.58
CA CYS A 323 10.42 41.19 23.81
C CYS A 323 11.65 40.37 24.17
N THR A 324 12.76 41.05 24.43
CA THR A 324 14.00 40.36 24.79
C THR A 324 13.86 39.74 26.18
N ALA A 325 13.23 40.48 27.09
CA ALA A 325 13.03 39.99 28.44
C ALA A 325 12.06 38.81 28.42
N GLU A 326 11.05 38.86 27.55
CA GLU A 326 10.09 37.77 27.48
C GLU A 326 10.75 36.46 27.07
N GLU A 327 11.59 36.48 26.04
CA GLU A 327 12.25 35.23 25.62
C GLU A 327 13.16 34.74 26.74
N ALA A 328 13.83 35.67 27.42
CA ALA A 328 14.73 35.30 28.50
C ALA A 328 13.98 34.67 29.68
N GLU A 329 12.82 35.22 30.03
CA GLU A 329 12.06 34.71 31.15
C GLU A 329 11.08 33.59 30.79
N PHE A 330 10.35 33.74 29.69
CA PHE A 330 9.39 32.71 29.28
C PHE A 330 9.99 31.65 28.36
N GLY A 331 10.98 32.01 27.57
CA GLY A 331 11.60 31.05 26.67
C GLY A 331 11.31 31.27 25.20
N GLY A 332 12.09 30.62 24.35
CA GLY A 332 11.89 30.76 22.92
C GLY A 332 12.87 31.72 22.29
N SER A 333 13.08 31.59 20.98
CA SER A 333 13.99 32.45 20.25
C SER A 333 13.42 32.79 18.88
N SER A 334 12.20 32.33 18.63
CA SER A 334 11.54 32.56 17.34
C SER A 334 11.44 34.03 16.94
N PHE A 335 10.86 34.85 17.81
CA PHE A 335 10.70 36.27 17.54
C PHE A 335 12.03 36.95 17.20
N SER A 336 13.03 36.75 18.05
CA SER A 336 14.34 37.37 17.80
C SER A 336 15.07 36.78 16.60
N ASP A 337 14.96 35.46 16.39
CA ASP A 337 15.63 34.85 15.26
C ASP A 337 15.15 35.46 13.95
N LYS A 338 13.88 35.84 13.92
CA LYS A 338 13.28 36.43 12.72
C LYS A 338 13.43 37.94 12.57
N GLY A 339 14.25 38.56 13.42
CA GLY A 339 14.47 39.99 13.29
C GLY A 339 13.81 40.93 14.29
N GLY A 340 13.00 40.39 15.19
CA GLY A 340 12.35 41.20 16.19
C GLY A 340 11.53 42.37 15.66
N LEU A 341 11.42 43.43 16.46
CA LEU A 341 10.66 44.60 16.07
C LEU A 341 11.29 45.38 14.92
N THR A 342 12.60 45.24 14.74
CA THR A 342 13.26 45.93 13.64
C THR A 342 12.76 45.35 12.31
N GLN A 343 12.70 44.02 12.23
CA GLN A 343 12.24 43.35 11.03
C GLN A 343 10.74 43.56 10.87
N PHE A 344 10.03 43.60 11.99
CA PHE A 344 8.59 43.79 11.94
C PHE A 344 8.24 45.19 11.44
N LYS A 345 9.12 46.15 11.69
CA LYS A 345 8.89 47.52 11.25
C LYS A 345 8.82 47.60 9.73
N LYS A 346 9.39 46.61 9.06
CA LYS A 346 9.36 46.60 7.60
C LYS A 346 7.94 46.29 7.13
N ALA A 347 7.20 45.55 7.95
CA ALA A 347 5.81 45.20 7.62
C ALA A 347 4.89 46.40 7.84
N THR A 348 5.02 47.03 9.01
CA THR A 348 4.18 48.18 9.32
C THR A 348 4.51 49.40 8.47
N SER A 349 5.73 49.43 7.91
CA SER A 349 6.14 50.54 7.05
C SER A 349 5.49 50.36 5.68
N GLY A 350 5.10 49.12 5.37
CA GLY A 350 4.46 48.84 4.10
C GLY A 350 2.96 48.76 4.27
N GLY A 351 2.27 48.17 3.30
CA GLY A 351 0.83 48.06 3.42
C GLY A 351 0.40 46.72 3.98
N MET A 352 -0.64 46.74 4.82
CA MET A 352 -1.14 45.51 5.41
C MET A 352 -2.66 45.52 5.32
N VAL A 353 -3.25 44.33 5.22
CA VAL A 353 -4.70 44.19 5.10
C VAL A 353 -5.36 43.90 6.44
N LEU A 354 -6.50 44.55 6.69
CA LEU A 354 -7.24 44.35 7.93
C LEU A 354 -8.04 43.06 7.89
N VAL A 355 -7.88 42.24 8.92
CA VAL A 355 -8.57 40.96 8.99
C VAL A 355 -9.41 40.90 10.28
N MET A 356 -10.62 40.36 10.17
CA MET A 356 -11.50 40.19 11.32
C MET A 356 -12.06 38.78 11.24
N SER A 357 -11.95 38.05 12.34
CA SER A 357 -12.41 36.67 12.34
C SER A 357 -12.92 36.17 13.69
N LEU A 358 -13.47 34.96 13.66
CA LEU A 358 -13.96 34.28 14.84
C LEU A 358 -13.63 32.82 14.60
N TRP A 359 -12.92 32.21 15.54
CA TRP A 359 -12.53 30.82 15.36
C TRP A 359 -12.32 30.07 16.66
N ASP A 360 -12.35 28.74 16.55
CA ASP A 360 -12.07 27.90 17.69
C ASP A 360 -10.83 27.15 17.23
N ASP A 361 -10.05 26.66 18.18
CA ASP A 361 -8.76 26.04 17.90
C ASP A 361 -8.68 24.50 17.95
N TYR A 362 -8.59 23.89 16.77
CA TYR A 362 -8.50 22.43 16.67
C TYR A 362 -7.15 21.85 17.03
N TYR A 363 -6.15 22.72 17.16
CA TYR A 363 -4.83 22.24 17.52
C TYR A 363 -4.59 22.26 19.03
N ALA A 364 -4.85 23.41 19.65
CA ALA A 364 -4.63 23.54 21.10
C ALA A 364 -5.79 24.09 21.93
N ASN A 365 -7.01 23.95 21.43
CA ASN A 365 -8.21 24.40 22.15
C ASN A 365 -8.16 25.82 22.73
N MET A 366 -7.37 26.68 22.11
CA MET A 366 -7.22 28.08 22.53
C MET A 366 -6.64 28.21 23.94
N LEU A 367 -6.08 27.12 24.45
CA LEU A 367 -5.48 27.11 25.79
C LEU A 367 -4.32 28.08 25.91
N TRP A 368 -3.61 28.31 24.80
CA TRP A 368 -2.48 29.23 24.79
C TRP A 368 -2.93 30.66 25.07
N LEU A 369 -4.21 30.93 24.87
CA LEU A 369 -4.76 32.25 25.09
C LEU A 369 -5.42 32.48 26.44
N ASP A 370 -6.27 31.53 26.85
CA ASP A 370 -7.02 31.70 28.09
C ASP A 370 -6.87 30.67 29.21
N SER A 371 -5.85 29.81 29.15
CA SER A 371 -5.70 28.81 30.19
C SER A 371 -4.23 28.63 30.57
N THR A 372 -3.89 27.46 31.11
CA THR A 372 -2.52 27.15 31.47
C THR A 372 -2.04 26.31 30.30
N TYR A 373 -0.92 26.69 29.71
CA TYR A 373 -0.42 25.98 28.54
C TYR A 373 1.10 25.95 28.46
N PRO A 374 1.68 24.75 28.23
CA PRO A 374 1.02 23.47 28.04
C PRO A 374 0.29 23.07 29.32
N THR A 375 -0.70 22.20 29.21
CA THR A 375 -1.49 21.80 30.36
C THR A 375 -0.76 21.10 31.50
N ASN A 376 0.44 20.59 31.22
CA ASN A 376 1.20 19.89 32.26
C ASN A 376 2.00 20.86 33.13
N GLU A 377 2.04 22.13 32.75
CA GLU A 377 2.77 23.14 33.52
C GLU A 377 1.88 23.68 34.63
N THR A 378 2.47 24.40 35.57
CA THR A 378 1.70 24.97 36.68
C THR A 378 1.96 26.46 36.77
N SER A 379 1.37 27.10 37.77
CA SER A 379 1.54 28.53 37.98
C SER A 379 2.99 28.87 38.31
N SER A 380 3.78 27.86 38.65
CA SER A 380 5.18 28.07 39.00
C SER A 380 6.06 28.22 37.76
N THR A 381 5.54 27.77 36.61
CA THR A 381 6.30 27.89 35.36
C THR A 381 6.03 29.28 34.78
N PRO A 382 7.09 30.08 34.58
CA PRO A 382 6.93 31.43 34.03
C PRO A 382 6.14 31.48 32.72
N GLY A 383 5.07 32.27 32.71
CA GLY A 383 4.26 32.43 31.52
C GLY A 383 3.32 31.28 31.19
N ALA A 384 3.25 30.29 32.07
CA ALA A 384 2.39 29.13 31.82
C ALA A 384 0.90 29.46 31.85
N VAL A 385 0.48 30.24 32.86
CA VAL A 385 -0.93 30.60 32.99
C VAL A 385 -1.26 31.85 32.19
N ARG A 386 -2.18 31.71 31.23
CA ARG A 386 -2.57 32.84 30.39
C ARG A 386 -3.99 33.33 30.66
N GLY A 387 -4.78 32.53 31.37
CA GLY A 387 -6.15 32.89 31.67
C GLY A 387 -6.74 31.96 32.71
N SER A 388 -7.97 32.24 33.13
CA SER A 388 -8.62 31.43 34.16
C SER A 388 -9.43 30.24 33.64
N CYS A 389 -9.42 30.03 32.33
CA CYS A 389 -10.15 28.89 31.75
C CYS A 389 -9.52 27.57 32.13
N SER A 390 -10.36 26.55 32.30
CA SER A 390 -9.91 25.21 32.65
C SER A 390 -9.05 24.64 31.54
N THR A 391 -8.04 23.85 31.89
CA THR A 391 -7.20 23.26 30.86
C THR A 391 -7.99 22.23 30.06
N SER A 392 -9.24 22.01 30.45
CA SER A 392 -10.12 21.06 29.75
C SER A 392 -11.07 21.78 28.82
N SER A 393 -10.95 23.11 28.74
CA SER A 393 -11.83 23.91 27.92
C SER A 393 -11.41 24.02 26.45
N GLY A 394 -12.32 24.55 25.64
CA GLY A 394 -12.01 24.76 24.23
C GLY A 394 -12.11 23.62 23.24
N VAL A 395 -12.56 22.44 23.66
CA VAL A 395 -12.69 21.34 22.70
C VAL A 395 -13.68 21.82 21.64
N PRO A 396 -13.25 21.90 20.37
CA PRO A 396 -14.12 22.36 19.28
C PRO A 396 -15.53 21.75 19.22
N ALA A 397 -15.60 20.43 19.16
CA ALA A 397 -16.90 19.76 19.11
C ALA A 397 -17.78 20.17 20.28
N GLN A 398 -17.18 20.36 21.46
CA GLN A 398 -17.97 20.74 22.62
C GLN A 398 -18.45 22.19 22.63
N VAL A 399 -17.55 23.13 22.36
CA VAL A 399 -17.96 24.53 22.34
C VAL A 399 -18.92 24.83 21.19
N GLU A 400 -18.77 24.10 20.09
CA GLU A 400 -19.64 24.29 18.93
C GLU A 400 -21.05 23.79 19.25
N SER A 401 -21.14 22.79 20.12
CA SER A 401 -22.43 22.22 20.52
C SER A 401 -23.09 23.01 21.64
N GLN A 402 -22.29 23.47 22.60
CA GLN A 402 -22.80 24.22 23.75
C GLN A 402 -22.98 25.71 23.54
N SER A 403 -22.17 26.31 22.67
CA SER A 403 -22.23 27.75 22.45
C SER A 403 -22.31 28.16 20.98
N PRO A 404 -23.23 27.56 20.22
CA PRO A 404 -23.38 27.91 18.80
C PRO A 404 -23.73 29.37 18.57
N ASN A 405 -24.37 29.99 19.56
CA ASN A 405 -24.78 31.38 19.46
C ASN A 405 -23.70 32.38 19.86
N ALA A 406 -22.50 31.87 20.18
CA ALA A 406 -21.40 32.75 20.53
C ALA A 406 -21.18 33.67 19.34
N LYS A 407 -20.64 34.86 19.58
CA LYS A 407 -20.40 35.80 18.49
C LYS A 407 -19.52 36.93 18.97
N VAL A 408 -18.95 37.66 18.02
CA VAL A 408 -18.11 38.81 18.31
C VAL A 408 -18.61 39.96 17.44
N THR A 409 -18.54 41.17 17.97
CA THR A 409 -18.98 42.34 17.23
C THR A 409 -17.90 43.42 17.28
N PHE A 410 -17.38 43.79 16.11
CA PHE A 410 -16.36 44.82 15.97
C PHE A 410 -17.07 46.04 15.42
N SER A 411 -16.71 47.23 15.90
CA SER A 411 -17.35 48.45 15.43
C SER A 411 -16.47 49.68 15.62
N ASN A 412 -16.94 50.80 15.07
CA ASN A 412 -16.23 52.07 15.19
C ASN A 412 -14.73 52.02 14.88
N ILE A 413 -14.39 51.47 13.73
CA ILE A 413 -12.99 51.40 13.31
C ILE A 413 -12.52 52.80 12.95
N LYS A 414 -11.39 53.21 13.50
CA LYS A 414 -10.84 54.52 13.22
C LYS A 414 -9.33 54.38 12.99
N PHE A 415 -8.83 55.06 11.96
CA PHE A 415 -7.42 54.98 11.62
C PHE A 415 -6.84 56.34 11.28
N GLY A 416 -5.63 56.62 11.76
CA GLY A 416 -5.01 57.88 11.47
C GLY A 416 -3.70 58.08 12.23
N PRO A 417 -3.08 59.26 12.09
CA PRO A 417 -1.81 59.54 12.80
C PRO A 417 -1.96 59.31 14.29
N ILE A 418 -0.87 58.91 14.94
CA ILE A 418 -0.90 58.69 16.38
C ILE A 418 -1.50 59.93 17.06
N GLY A 419 -2.43 59.68 17.98
CA GLY A 419 -3.08 60.77 18.70
C GLY A 419 -4.26 61.43 18.01
N SER A 420 -4.69 60.91 16.87
CA SER A 420 -5.78 61.53 16.11
C SER A 420 -7.14 60.85 16.17
N THR A 421 -7.19 59.56 16.49
CA THR A 421 -8.46 58.83 16.49
C THR A 421 -9.40 59.05 17.67
N GLY A 422 -8.98 59.84 18.66
CA GLY A 422 -9.82 60.11 19.80
C GLY A 422 -10.72 61.29 19.54
N ASN A 423 -10.48 61.97 18.41
CA ASN A 423 -11.29 63.12 18.03
C ASN A 423 -12.61 62.64 17.44
N PRO A 424 -13.60 63.55 17.34
CA PRO A 424 -14.93 63.23 16.80
C PRO A 424 -14.99 62.58 15.42
N SER A 425 -15.79 61.52 15.31
CA SER A 425 -15.96 60.82 14.04
C SER A 425 -16.74 61.75 13.12
N GLY A 426 -16.45 61.70 11.84
CA GLY A 426 -17.13 62.54 10.87
C GLY A 426 -18.40 61.92 10.34
N SER B 2 2.90 -43.99 -35.51
CA SER B 2 2.15 -42.93 -36.15
C SER B 2 0.92 -42.70 -35.28
N ALA B 3 0.04 -41.81 -35.71
CA ALA B 3 -1.17 -41.54 -34.95
C ALA B 3 -2.40 -41.96 -35.74
N CYS B 4 -3.41 -42.46 -35.03
CA CYS B 4 -4.66 -42.84 -35.65
C CYS B 4 -5.75 -41.98 -35.03
N THR B 5 -6.91 -41.94 -35.68
CA THR B 5 -8.01 -41.11 -35.21
C THR B 5 -9.35 -41.78 -35.00
N LEU B 6 -9.35 -43.05 -34.59
CA LEU B 6 -10.61 -43.73 -34.35
C LEU B 6 -11.28 -43.02 -33.16
N GLN B 7 -10.45 -42.42 -32.31
CA GLN B 7 -10.90 -41.64 -31.16
C GLN B 7 -10.22 -40.29 -31.27
N SER B 8 -11.00 -39.22 -31.31
CA SER B 8 -10.44 -37.89 -31.42
C SER B 8 -9.60 -37.55 -30.21
N GLU B 9 -8.56 -36.75 -30.43
CA GLU B 9 -7.66 -36.33 -29.36
C GLU B 9 -7.88 -34.85 -29.08
N THR B 10 -8.48 -34.57 -27.92
CA THR B 10 -8.74 -33.19 -27.50
C THR B 10 -8.11 -32.97 -26.15
N HIS B 11 -6.99 -32.26 -26.15
CA HIS B 11 -6.23 -31.98 -24.93
C HIS B 11 -7.01 -31.07 -23.98
N PRO B 12 -7.26 -31.54 -22.76
CA PRO B 12 -8.00 -30.72 -21.79
C PRO B 12 -7.25 -29.41 -21.57
N PRO B 13 -7.93 -28.27 -21.77
CA PRO B 13 -7.29 -26.96 -21.58
C PRO B 13 -6.88 -26.72 -20.12
N LEU B 14 -5.81 -25.95 -19.94
CA LEU B 14 -5.33 -25.62 -18.60
C LEU B 14 -4.60 -24.29 -18.65
N THR B 15 -5.01 -23.34 -17.82
CA THR B 15 -4.36 -22.04 -17.82
C THR B 15 -3.31 -22.00 -16.71
N TRP B 16 -2.35 -21.09 -16.86
CA TRP B 16 -1.30 -20.91 -15.87
C TRP B 16 -0.81 -19.47 -15.97
N GLN B 17 -0.05 -19.03 -14.98
CA GLN B 17 0.44 -17.66 -14.95
C GLN B 17 1.93 -17.53 -15.24
N LYS B 18 2.28 -16.54 -16.06
CA LYS B 18 3.67 -16.26 -16.35
C LYS B 18 3.88 -14.89 -15.73
N CYS B 19 4.73 -14.82 -14.71
CA CYS B 19 4.99 -13.58 -14.01
C CYS B 19 6.32 -12.97 -14.43
N SER B 20 6.47 -11.67 -14.21
CA SER B 20 7.69 -10.97 -14.59
C SER B 20 8.33 -10.25 -13.41
N SER B 21 9.61 -9.93 -13.53
CA SER B 21 10.31 -9.24 -12.46
C SER B 21 9.65 -7.90 -12.17
N GLY B 22 8.95 -7.36 -13.16
CA GLY B 22 8.27 -6.08 -13.02
C GLY B 22 7.13 -6.08 -12.03
N GLY B 23 6.71 -7.26 -11.59
CA GLY B 23 5.65 -7.35 -10.61
C GLY B 23 4.26 -7.74 -11.09
N THR B 24 4.12 -8.03 -12.37
CA THR B 24 2.81 -8.44 -12.89
C THR B 24 2.85 -9.86 -13.43
N CYS B 25 1.69 -10.50 -13.48
CA CYS B 25 1.55 -11.86 -13.98
C CYS B 25 0.50 -11.82 -15.08
N THR B 26 0.71 -12.58 -16.15
CA THR B 26 -0.24 -12.63 -17.26
C THR B 26 -0.68 -14.07 -17.46
N GLN B 27 -1.97 -14.26 -17.71
CA GLN B 27 -2.51 -15.59 -17.89
C GLN B 27 -2.11 -16.19 -19.23
N GLN B 28 -1.72 -17.46 -19.19
CA GLN B 28 -1.32 -18.20 -20.37
C GLN B 28 -2.34 -19.32 -20.55
N THR B 29 -2.55 -19.73 -21.79
CA THR B 29 -3.49 -20.81 -22.07
C THR B 29 -2.77 -21.98 -22.72
N GLY B 30 -2.77 -23.11 -22.02
CA GLY B 30 -2.15 -24.30 -22.55
C GLY B 30 -3.13 -25.45 -22.46
N SER B 31 -2.62 -26.67 -22.35
CA SER B 31 -3.48 -27.85 -22.23
C SER B 31 -2.62 -29.00 -21.76
N VAL B 32 -3.24 -30.14 -21.49
CA VAL B 32 -2.49 -31.31 -21.06
C VAL B 32 -2.71 -32.48 -21.98
N VAL B 33 -1.70 -33.33 -22.10
CA VAL B 33 -1.76 -34.51 -22.96
C VAL B 33 -1.28 -35.72 -22.18
N ILE B 34 -1.96 -36.85 -22.36
CA ILE B 34 -1.56 -38.05 -21.65
C ILE B 34 -0.44 -38.80 -22.36
N ASP B 35 0.46 -39.36 -21.56
CA ASP B 35 1.62 -40.11 -22.06
C ASP B 35 1.19 -41.25 -23.00
N ALA B 36 2.01 -41.49 -24.02
CA ALA B 36 1.73 -42.53 -25.02
C ALA B 36 1.48 -43.93 -24.45
N ASN B 37 2.13 -44.25 -23.32
CA ASN B 37 1.97 -45.59 -22.73
C ASN B 37 0.55 -45.92 -22.26
N TRP B 38 -0.23 -44.89 -21.94
CA TRP B 38 -1.60 -45.09 -21.49
C TRP B 38 -2.58 -45.29 -22.64
N ARG B 39 -2.14 -44.95 -23.84
CA ARG B 39 -2.97 -45.03 -25.03
C ARG B 39 -3.15 -46.41 -25.64
N TRP B 40 -4.19 -46.49 -26.47
CA TRP B 40 -4.50 -47.71 -27.21
C TRP B 40 -3.57 -47.70 -28.41
N THR B 41 -2.83 -48.80 -28.57
CA THR B 41 -1.88 -48.93 -29.68
C THR B 41 -2.47 -50.01 -30.59
N HIS B 42 -2.78 -49.65 -31.83
CA HIS B 42 -3.35 -50.62 -32.75
C HIS B 42 -2.81 -50.51 -34.16
N ALA B 43 -3.17 -51.47 -35.01
CA ALA B 43 -2.74 -51.48 -36.40
C ALA B 43 -3.20 -50.21 -37.09
N THR B 44 -2.38 -49.67 -37.98
CA THR B 44 -2.74 -48.46 -38.69
C THR B 44 -3.95 -48.66 -39.60
N ASN B 45 -4.16 -49.90 -40.06
CA ASN B 45 -5.26 -50.20 -40.96
C ASN B 45 -6.50 -50.90 -40.36
N SER B 46 -6.52 -51.06 -39.04
CA SER B 46 -7.67 -51.70 -38.40
C SER B 46 -7.67 -51.38 -36.90
N SER B 47 -8.52 -52.08 -36.15
CA SER B 47 -8.60 -51.86 -34.72
C SER B 47 -7.92 -53.00 -33.96
N THR B 48 -7.17 -53.81 -34.68
CA THR B 48 -6.46 -54.93 -34.06
C THR B 48 -5.36 -54.34 -33.16
N ASN B 49 -5.36 -54.72 -31.89
CA ASN B 49 -4.37 -54.20 -30.96
C ASN B 49 -2.94 -54.64 -31.30
N CYS B 50 -1.98 -53.77 -31.03
CA CYS B 50 -0.58 -54.11 -31.24
C CYS B 50 -0.05 -54.53 -29.87
N TYR B 51 -0.74 -54.09 -28.83
CA TYR B 51 -0.38 -54.37 -27.45
C TYR B 51 -1.66 -54.55 -26.64
N ASP B 52 -1.68 -55.55 -25.76
CA ASP B 52 -2.84 -55.77 -24.90
C ASP B 52 -2.37 -56.50 -23.65
N GLY B 53 -2.85 -56.06 -22.49
CA GLY B 53 -2.42 -56.66 -21.25
C GLY B 53 -0.97 -56.27 -21.07
N ASN B 54 -0.07 -57.25 -21.09
CA ASN B 54 1.35 -56.98 -20.98
C ASN B 54 2.11 -57.71 -22.08
N THR B 55 1.41 -57.98 -23.17
CA THR B 55 1.98 -58.70 -24.30
C THR B 55 1.82 -57.97 -25.62
N TRP B 56 2.85 -58.03 -26.45
CA TRP B 56 2.82 -57.40 -27.77
C TRP B 56 2.30 -58.41 -28.80
N SER B 57 1.70 -57.88 -29.87
CA SER B 57 1.21 -58.71 -30.95
C SER B 57 2.46 -59.25 -31.67
N SER B 58 2.66 -60.56 -31.65
CA SER B 58 3.84 -61.12 -32.31
C SER B 58 3.78 -60.98 -33.83
N THR B 59 2.58 -60.84 -34.39
CA THR B 59 2.43 -60.69 -35.83
C THR B 59 2.64 -59.26 -36.30
N LEU B 60 2.04 -58.31 -35.59
CA LEU B 60 2.20 -56.91 -35.94
C LEU B 60 3.54 -56.35 -35.47
N CYS B 61 4.05 -56.91 -34.37
CA CYS B 61 5.31 -56.44 -33.80
C CYS B 61 6.40 -57.49 -33.62
N PRO B 62 6.93 -58.03 -34.72
CA PRO B 62 7.99 -59.04 -34.72
C PRO B 62 9.34 -58.46 -34.30
N ASP B 63 9.50 -57.15 -34.48
CA ASP B 63 10.72 -56.45 -34.10
C ASP B 63 10.36 -54.98 -33.86
N ASN B 64 11.29 -54.21 -33.29
CA ASN B 64 11.02 -52.80 -33.00
C ASN B 64 10.66 -51.93 -34.20
N GLU B 65 11.35 -52.10 -35.32
CA GLU B 65 11.08 -51.29 -36.51
C GLU B 65 9.73 -51.60 -37.16
N THR B 66 9.50 -52.88 -37.43
CA THR B 66 8.27 -53.33 -38.05
C THR B 66 7.07 -52.95 -37.21
N CYS B 67 7.23 -53.02 -35.90
CA CYS B 67 6.15 -52.69 -34.98
C CYS B 67 5.77 -51.23 -35.13
N ALA B 68 6.77 -50.35 -35.07
CA ALA B 68 6.53 -48.92 -35.20
C ALA B 68 5.87 -48.58 -36.52
N LYS B 69 6.22 -49.31 -37.58
CA LYS B 69 5.65 -49.05 -38.89
C LYS B 69 4.19 -49.52 -38.97
N ASN B 70 3.89 -50.67 -38.38
CA ASN B 70 2.52 -51.21 -38.42
C ASN B 70 1.58 -50.64 -37.37
N CYS B 71 2.12 -49.96 -36.36
CA CYS B 71 1.29 -49.46 -35.27
C CYS B 71 1.15 -47.96 -35.10
N CYS B 72 0.02 -47.57 -34.51
CA CYS B 72 -0.26 -46.17 -34.24
C CYS B 72 -0.85 -46.02 -32.84
N LEU B 73 -0.78 -44.80 -32.32
CA LEU B 73 -1.33 -44.46 -31.01
C LEU B 73 -2.63 -43.74 -31.34
N ASP B 74 -3.69 -44.00 -30.58
CA ASP B 74 -4.96 -43.33 -30.88
C ASP B 74 -5.33 -42.33 -29.80
N GLY B 75 -6.44 -41.63 -30.01
CA GLY B 75 -6.89 -40.62 -29.06
C GLY B 75 -7.34 -41.15 -27.72
N ALA B 76 -7.48 -40.24 -26.76
CA ALA B 76 -7.88 -40.60 -25.40
C ALA B 76 -9.12 -39.86 -24.94
N ALA B 77 -10.02 -40.57 -24.26
CA ALA B 77 -11.22 -39.95 -23.70
C ALA B 77 -10.73 -39.65 -22.29
N TYR B 78 -10.17 -38.46 -22.11
CA TYR B 78 -9.61 -38.06 -20.84
C TYR B 78 -10.42 -38.32 -19.58
N ALA B 79 -11.65 -37.83 -19.54
CA ALA B 79 -12.47 -38.03 -18.34
C ALA B 79 -13.01 -39.44 -18.16
N SER B 80 -13.71 -39.96 -19.15
CA SER B 80 -14.31 -41.29 -19.05
C SER B 80 -13.36 -42.48 -18.96
N THR B 81 -12.21 -42.42 -19.63
CA THR B 81 -11.27 -43.53 -19.58
C THR B 81 -10.14 -43.32 -18.58
N TYR B 82 -9.60 -42.11 -18.55
CA TYR B 82 -8.45 -41.81 -17.70
C TYR B 82 -8.69 -41.03 -16.40
N GLY B 83 -9.92 -40.59 -16.17
CA GLY B 83 -10.22 -39.86 -14.95
C GLY B 83 -9.44 -38.56 -14.82
N VAL B 84 -9.16 -37.94 -15.95
CA VAL B 84 -8.43 -36.69 -16.01
C VAL B 84 -9.37 -35.56 -16.44
N THR B 85 -9.45 -34.52 -15.62
CA THR B 85 -10.30 -33.38 -15.92
C THR B 85 -9.59 -32.08 -15.58
N THR B 86 -10.03 -30.99 -16.21
CA THR B 86 -9.46 -29.68 -15.93
C THR B 86 -10.61 -28.70 -15.81
N SER B 87 -10.33 -27.58 -15.13
CA SER B 87 -11.31 -26.52 -14.94
C SER B 87 -10.51 -25.26 -14.65
N GLY B 88 -10.40 -24.39 -15.64
CA GLY B 88 -9.64 -23.16 -15.46
C GLY B 88 -8.17 -23.49 -15.27
N ASN B 89 -7.63 -23.19 -14.11
CA ASN B 89 -6.22 -23.48 -13.83
C ASN B 89 -6.08 -24.71 -12.96
N SER B 90 -7.15 -25.49 -12.84
CA SER B 90 -7.12 -26.68 -12.00
C SER B 90 -7.13 -27.98 -12.78
N LEU B 91 -6.34 -28.94 -12.32
CA LEU B 91 -6.23 -30.25 -12.94
C LEU B 91 -6.43 -31.33 -11.89
N SER B 92 -7.31 -32.28 -12.16
CA SER B 92 -7.57 -33.38 -11.23
C SER B 92 -7.36 -34.71 -11.93
N ILE B 93 -6.78 -35.66 -11.20
CA ILE B 93 -6.52 -36.98 -11.73
C ILE B 93 -7.04 -38.01 -10.72
N ASP B 94 -7.96 -38.87 -11.15
CA ASP B 94 -8.49 -39.91 -10.27
C ASP B 94 -7.55 -41.10 -10.30
N PHE B 95 -7.56 -41.90 -9.23
CA PHE B 95 -6.68 -43.07 -9.14
C PHE B 95 -7.15 -44.23 -10.00
N VAL B 96 -8.36 -44.72 -9.77
CA VAL B 96 -8.89 -45.83 -10.56
C VAL B 96 -10.16 -45.43 -11.32
N THR B 97 -10.13 -45.60 -12.64
CA THR B 97 -11.28 -45.27 -13.48
C THR B 97 -11.71 -46.52 -14.27
N GLN B 98 -13.00 -46.85 -14.17
CA GLN B 98 -13.54 -48.02 -14.86
C GLN B 98 -14.30 -47.64 -16.13
N SER B 99 -13.86 -48.20 -17.27
CA SER B 99 -14.51 -47.96 -18.56
C SER B 99 -14.51 -49.28 -19.32
N ALA B 100 -13.88 -49.30 -20.51
CA ALA B 100 -13.81 -50.53 -21.29
C ALA B 100 -13.04 -51.53 -20.43
N GLN B 101 -12.21 -50.98 -19.54
CA GLN B 101 -11.44 -51.78 -18.61
C GLN B 101 -10.98 -50.87 -17.48
N LYS B 102 -10.14 -51.40 -16.61
CA LYS B 102 -9.64 -50.65 -15.46
C LYS B 102 -8.39 -49.86 -15.81
N ASN B 103 -8.38 -48.58 -15.45
CA ASN B 103 -7.22 -47.72 -15.69
C ASN B 103 -6.73 -47.22 -14.34
N VAL B 104 -5.42 -47.20 -14.17
CA VAL B 104 -4.83 -46.74 -12.92
C VAL B 104 -3.94 -45.53 -13.12
N GLY B 105 -4.39 -44.38 -12.64
CA GLY B 105 -3.60 -43.15 -12.75
C GLY B 105 -3.34 -42.64 -14.15
N ALA B 106 -2.37 -41.73 -14.26
CA ALA B 106 -2.01 -41.13 -15.54
C ALA B 106 -0.78 -40.25 -15.40
N ARG B 107 -0.13 -39.98 -16.52
CA ARG B 107 1.03 -39.10 -16.56
C ARG B 107 0.69 -38.11 -17.67
N LEU B 108 0.70 -36.83 -17.33
CA LEU B 108 0.32 -35.77 -18.27
C LEU B 108 1.42 -34.73 -18.47
N TYR B 109 1.44 -34.10 -19.64
CA TYR B 109 2.43 -33.08 -19.95
C TYR B 109 1.73 -31.79 -20.33
N LEU B 110 2.29 -30.65 -19.94
CA LEU B 110 1.69 -29.36 -20.29
C LEU B 110 2.12 -28.99 -21.70
N MET B 111 1.15 -28.67 -22.54
CA MET B 111 1.42 -28.32 -23.93
C MET B 111 1.43 -26.82 -24.21
N ALA B 112 2.16 -26.44 -25.25
CA ALA B 112 2.26 -25.05 -25.70
C ALA B 112 1.29 -24.85 -26.86
N SER B 113 1.08 -25.92 -27.63
CA SER B 113 0.15 -25.93 -28.75
C SER B 113 -0.34 -27.37 -28.80
N ASP B 114 -1.29 -27.68 -29.67
CA ASP B 114 -1.77 -29.07 -29.72
C ASP B 114 -0.76 -30.06 -30.26
N THR B 115 0.40 -29.58 -30.69
CA THR B 115 1.43 -30.47 -31.23
C THR B 115 2.82 -30.28 -30.63
N THR B 116 2.93 -29.46 -29.59
CA THR B 116 4.24 -29.21 -28.96
C THR B 116 4.13 -29.03 -27.45
N TYR B 117 5.17 -29.47 -26.75
CA TYR B 117 5.23 -29.33 -25.30
C TYR B 117 5.69 -27.93 -24.92
N GLN B 118 5.26 -27.48 -23.75
CA GLN B 118 5.67 -26.17 -23.23
C GLN B 118 7.01 -26.41 -22.54
N GLU B 119 8.04 -25.67 -22.93
CA GLU B 119 9.34 -25.82 -22.31
C GLU B 119 9.54 -24.68 -21.31
N PHE B 120 10.13 -24.99 -20.15
CA PHE B 120 10.41 -24.00 -19.12
C PHE B 120 11.90 -24.02 -18.79
N THR B 121 12.48 -22.85 -18.58
CA THR B 121 13.88 -22.73 -18.19
C THR B 121 13.79 -22.39 -16.71
N LEU B 122 14.07 -23.35 -15.85
CA LEU B 122 13.95 -23.15 -14.40
C LEU B 122 15.01 -22.27 -13.73
N LEU B 123 16.26 -22.35 -14.18
CA LEU B 123 17.34 -21.59 -13.55
C LEU B 123 17.06 -20.09 -13.49
N GLY B 124 17.16 -19.54 -12.28
CA GLY B 124 16.92 -18.11 -12.08
C GLY B 124 15.46 -17.80 -11.86
N ASN B 125 14.62 -18.82 -12.01
CA ASN B 125 13.19 -18.65 -11.84
C ASN B 125 12.60 -19.49 -10.72
N GLU B 126 11.31 -19.34 -10.49
CA GLU B 126 10.62 -20.11 -9.47
C GLU B 126 9.31 -20.65 -10.03
N PHE B 127 8.85 -21.75 -9.44
CA PHE B 127 7.63 -22.39 -9.87
C PHE B 127 6.70 -22.49 -8.68
N SER B 128 5.46 -22.03 -8.83
CA SER B 128 4.48 -22.09 -7.76
C SER B 128 3.24 -22.84 -8.22
N PHE B 129 2.64 -23.58 -7.30
CA PHE B 129 1.42 -24.30 -7.59
C PHE B 129 0.71 -24.63 -6.29
N ASP B 130 -0.59 -24.84 -6.38
CA ASP B 130 -1.40 -25.22 -5.23
C ASP B 130 -1.69 -26.70 -5.43
N VAL B 131 -1.84 -27.43 -4.33
CA VAL B 131 -2.14 -28.85 -4.44
C VAL B 131 -3.02 -29.29 -3.29
N ASP B 132 -3.89 -30.25 -3.57
CA ASP B 132 -4.77 -30.82 -2.56
C ASP B 132 -4.38 -32.29 -2.57
N VAL B 133 -3.74 -32.74 -1.49
CA VAL B 133 -3.30 -34.13 -1.37
C VAL B 133 -4.16 -34.88 -0.35
N SER B 134 -5.27 -34.27 0.06
CA SER B 134 -6.14 -34.86 1.08
C SER B 134 -6.67 -36.24 0.70
N GLN B 135 -6.86 -36.48 -0.59
CA GLN B 135 -7.40 -37.75 -1.05
C GLN B 135 -6.31 -38.74 -1.48
N LEU B 136 -5.09 -38.52 -1.00
CA LEU B 136 -3.96 -39.40 -1.31
C LEU B 136 -3.48 -40.12 -0.06
N PRO B 137 -3.87 -41.40 0.09
CA PRO B 137 -3.47 -42.21 1.25
C PRO B 137 -2.09 -42.86 1.05
N CYS B 138 -1.64 -43.59 2.07
CA CYS B 138 -0.37 -44.30 2.01
C CYS B 138 -0.31 -45.11 0.71
N GLY B 139 0.87 -45.13 0.09
CA GLY B 139 1.04 -45.90 -1.13
C GLY B 139 0.82 -45.15 -2.43
N LEU B 140 0.25 -43.95 -2.35
CA LEU B 140 -0.02 -43.14 -3.54
C LEU B 140 0.98 -42.00 -3.68
N ASN B 141 1.18 -41.55 -4.92
CA ASN B 141 2.11 -40.46 -5.19
C ASN B 141 1.52 -39.52 -6.24
N GLY B 142 1.16 -38.31 -5.81
CA GLY B 142 0.67 -37.31 -6.75
C GLY B 142 1.93 -36.52 -7.03
N ALA B 143 2.42 -36.57 -8.26
CA ALA B 143 3.65 -35.88 -8.58
C ALA B 143 3.59 -34.75 -9.60
N LEU B 144 4.40 -33.72 -9.36
CA LEU B 144 4.50 -32.61 -10.27
C LEU B 144 6.02 -32.45 -10.39
N TYR B 145 6.52 -32.61 -11.62
CA TYR B 145 7.94 -32.54 -11.86
C TYR B 145 8.30 -32.10 -13.27
N PHE B 146 9.60 -31.93 -13.50
CA PHE B 146 10.13 -31.52 -14.80
C PHE B 146 11.15 -32.54 -15.32
N VAL B 147 11.17 -32.74 -16.63
CA VAL B 147 12.11 -33.64 -17.28
C VAL B 147 12.60 -32.98 -18.56
N SER B 148 13.83 -33.28 -18.95
CA SER B 148 14.42 -32.68 -20.14
C SER B 148 14.02 -33.40 -21.43
N MET B 149 12.75 -33.24 -21.80
CA MET B 149 12.20 -33.86 -23.01
C MET B 149 12.24 -32.88 -24.16
N ASP B 150 12.25 -33.41 -25.39
CA ASP B 150 12.22 -32.58 -26.58
C ASP B 150 10.82 -32.00 -26.71
N ALA B 151 10.74 -30.77 -27.20
CA ALA B 151 9.46 -30.08 -27.37
C ALA B 151 8.50 -30.78 -28.34
N ASP B 152 9.04 -31.49 -29.32
CA ASP B 152 8.20 -32.19 -30.31
C ASP B 152 7.95 -33.66 -29.98
N GLY B 153 8.36 -34.09 -28.79
CA GLY B 153 8.15 -35.48 -28.43
C GLY B 153 9.11 -36.44 -29.11
N GLY B 154 10.13 -35.90 -29.78
CA GLY B 154 11.14 -36.73 -30.43
C GLY B 154 11.04 -36.89 -31.94
N VAL B 155 10.04 -36.26 -32.56
CA VAL B 155 9.82 -36.36 -34.00
C VAL B 155 10.97 -35.92 -34.90
N SER B 156 11.58 -34.77 -34.62
CA SER B 156 12.67 -34.28 -35.47
C SER B 156 13.86 -35.22 -35.48
N LYS B 157 14.10 -35.88 -34.35
CA LYS B 157 15.23 -36.81 -34.24
C LYS B 157 14.92 -38.21 -34.77
N TYR B 158 13.66 -38.61 -34.67
CA TYR B 158 13.24 -39.94 -35.09
C TYR B 158 11.97 -39.88 -35.94
N PRO B 159 12.13 -39.68 -37.25
CA PRO B 159 11.05 -39.58 -38.24
C PRO B 159 10.02 -40.70 -38.23
N THR B 160 10.39 -41.87 -37.73
CA THR B 160 9.45 -42.99 -37.67
C THR B 160 8.41 -42.73 -36.59
N ASN B 161 8.59 -41.66 -35.84
CA ASN B 161 7.62 -41.25 -34.82
C ASN B 161 6.93 -40.03 -35.39
N THR B 162 5.71 -40.21 -35.88
CA THR B 162 4.96 -39.11 -36.45
C THR B 162 3.82 -38.66 -35.54
N ALA B 163 3.61 -39.39 -34.45
CA ALA B 163 2.57 -39.05 -33.48
C ALA B 163 3.01 -37.84 -32.68
N GLY B 164 4.22 -37.89 -32.16
CA GLY B 164 4.77 -36.78 -31.41
C GLY B 164 4.11 -36.35 -30.10
N ALA B 165 4.41 -35.13 -29.70
CA ALA B 165 3.89 -34.54 -28.47
C ALA B 165 2.37 -34.58 -28.40
N LYS B 166 1.70 -34.44 -29.54
CA LYS B 166 0.24 -34.45 -29.58
C LYS B 166 -0.28 -35.74 -28.97
N TYR B 167 0.50 -36.81 -29.04
CA TYR B 167 0.09 -38.09 -28.46
C TYR B 167 0.98 -38.53 -27.29
N GLY B 168 1.62 -37.55 -26.68
CA GLY B 168 2.46 -37.81 -25.51
C GLY B 168 3.67 -38.69 -25.67
N THR B 169 4.36 -38.59 -26.81
CA THR B 169 5.55 -39.40 -27.03
C THR B 169 6.80 -38.70 -26.47
N GLY B 170 7.89 -39.44 -26.44
CA GLY B 170 9.17 -38.89 -26.00
C GLY B 170 9.53 -38.80 -24.53
N TYR B 171 8.79 -39.44 -23.65
CA TYR B 171 9.09 -39.36 -22.22
C TYR B 171 10.49 -39.88 -21.91
N CYS B 172 11.02 -39.40 -20.79
CA CYS B 172 12.33 -39.80 -20.29
C CYS B 172 12.46 -39.24 -18.89
N ASP B 173 13.18 -39.95 -18.02
CA ASP B 173 13.46 -39.44 -16.69
C ASP B 173 14.69 -40.10 -16.10
N SER B 174 15.07 -39.70 -14.90
CA SER B 174 16.29 -40.21 -14.26
C SER B 174 16.27 -41.68 -13.89
N GLN B 175 15.15 -42.35 -14.12
CA GLN B 175 15.04 -43.77 -13.83
C GLN B 175 15.32 -44.57 -15.10
N CYS B 176 15.47 -43.88 -16.23
CA CYS B 176 15.75 -44.56 -17.50
C CYS B 176 14.73 -45.68 -17.67
N PRO B 177 13.43 -45.35 -17.58
CA PRO B 177 12.33 -46.31 -17.71
C PRO B 177 12.34 -47.17 -18.96
N ARG B 178 12.25 -48.49 -18.75
CA ARG B 178 12.25 -49.46 -19.84
C ARG B 178 10.83 -49.99 -20.09
N ASP B 179 9.86 -49.46 -19.35
CA ASP B 179 8.48 -49.90 -19.51
C ASP B 179 7.80 -49.17 -20.66
N LEU B 180 8.52 -48.24 -21.28
CA LEU B 180 7.98 -47.48 -22.41
C LEU B 180 7.84 -48.39 -23.62
N LYS B 181 6.67 -48.37 -24.24
CA LYS B 181 6.40 -49.22 -25.40
C LYS B 181 7.01 -48.68 -26.69
N PHE B 182 7.25 -47.37 -26.73
CA PHE B 182 7.85 -46.73 -27.88
C PHE B 182 8.93 -45.77 -27.43
N ILE B 183 10.14 -45.96 -27.97
CA ILE B 183 11.27 -45.10 -27.65
C ILE B 183 12.04 -44.79 -28.94
N ASN B 184 12.37 -43.52 -29.15
CA ASN B 184 13.13 -43.12 -30.34
C ASN B 184 12.54 -43.58 -31.66
N GLY B 185 11.22 -43.47 -31.79
CA GLY B 185 10.56 -43.85 -33.03
C GLY B 185 10.48 -45.34 -33.34
N GLN B 186 10.82 -46.18 -32.36
CA GLN B 186 10.77 -47.62 -32.57
C GLN B 186 10.02 -48.20 -31.37
N ALA B 187 9.44 -49.38 -31.54
CA ALA B 187 8.75 -50.02 -30.43
C ALA B 187 9.82 -50.54 -29.48
N ASN B 188 9.39 -51.15 -28.38
CA ASN B 188 10.35 -51.68 -27.41
C ASN B 188 10.00 -53.15 -27.13
N VAL B 189 9.43 -53.81 -28.14
CA VAL B 189 9.03 -55.21 -28.04
C VAL B 189 10.22 -56.16 -27.94
N GLU B 190 11.35 -55.78 -28.52
CA GLU B 190 12.52 -56.64 -28.46
C GLU B 190 13.06 -56.71 -27.03
N GLY B 191 13.15 -57.94 -26.52
CA GLY B 191 13.63 -58.16 -25.16
C GLY B 191 12.55 -57.97 -24.13
N TRP B 192 11.32 -57.80 -24.59
CA TRP B 192 10.18 -57.57 -23.71
C TRP B 192 9.89 -58.72 -22.76
N GLU B 193 9.67 -58.38 -21.50
CA GLU B 193 9.36 -59.32 -20.44
C GLU B 193 8.20 -58.73 -19.64
N PRO B 194 7.06 -59.43 -19.60
CA PRO B 194 5.90 -58.92 -18.85
C PRO B 194 6.22 -58.77 -17.36
N SER B 195 5.57 -57.81 -16.72
CA SER B 195 5.78 -57.59 -15.29
C SER B 195 5.21 -58.77 -14.52
N SER B 196 5.81 -59.05 -13.37
CA SER B 196 5.37 -60.16 -12.53
C SER B 196 4.09 -59.83 -11.78
N ASN B 197 3.87 -58.55 -11.51
CA ASN B 197 2.69 -58.14 -10.75
C ASN B 197 1.74 -57.11 -11.37
N ASN B 198 2.12 -56.52 -12.50
CA ASN B 198 1.27 -55.53 -13.15
C ASN B 198 0.77 -56.10 -14.49
N ALA B 199 -0.53 -56.37 -14.57
CA ALA B 199 -1.12 -56.94 -15.77
C ALA B 199 -1.03 -56.05 -17.01
N ASN B 200 -0.76 -54.76 -16.83
CA ASN B 200 -0.67 -53.83 -17.96
C ASN B 200 0.72 -53.41 -18.38
N THR B 201 1.75 -53.89 -17.69
CA THR B 201 3.10 -53.45 -18.03
C THR B 201 4.16 -54.53 -18.19
N GLY B 202 5.29 -54.09 -18.72
CA GLY B 202 6.43 -54.95 -18.95
C GLY B 202 7.70 -54.14 -19.03
N ILE B 203 8.79 -54.82 -19.39
CA ILE B 203 10.11 -54.20 -19.51
C ILE B 203 10.73 -54.60 -20.84
N GLY B 204 11.11 -53.62 -21.65
CA GLY B 204 11.72 -53.91 -22.94
C GLY B 204 13.23 -53.80 -22.89
N GLY B 205 13.89 -54.11 -24.00
CA GLY B 205 15.34 -54.05 -24.04
C GLY B 205 15.94 -52.65 -23.96
N HIS B 206 15.10 -51.63 -24.18
CA HIS B 206 15.59 -50.25 -24.12
C HIS B 206 14.85 -49.38 -23.12
N GLY B 207 15.50 -48.29 -22.71
CA GLY B 207 14.91 -47.34 -21.78
C GLY B 207 15.14 -45.93 -22.28
N SER B 208 14.54 -44.94 -21.62
CA SER B 208 14.70 -43.55 -22.04
C SER B 208 15.14 -42.68 -20.84
N CYS B 209 16.38 -42.17 -20.93
CA CYS B 209 17.00 -41.37 -19.88
C CYS B 209 17.07 -39.87 -20.10
N CYS B 210 17.05 -39.12 -19.00
CA CYS B 210 17.20 -37.67 -19.01
C CYS B 210 17.04 -37.07 -17.62
N SER B 211 17.58 -35.87 -17.47
CA SER B 211 17.54 -35.13 -16.22
C SER B 211 16.11 -34.99 -15.73
N GLU B 212 15.93 -35.05 -14.42
CA GLU B 212 14.61 -34.96 -13.82
C GLU B 212 14.59 -34.14 -12.54
N MET B 213 13.73 -33.13 -12.50
CA MET B 213 13.61 -32.30 -11.31
C MET B 213 12.28 -32.63 -10.65
N ASP B 214 12.30 -33.40 -9.57
CA ASP B 214 11.08 -33.75 -8.89
C ASP B 214 10.70 -32.70 -7.86
N ILE B 215 9.97 -31.69 -8.32
CA ILE B 215 9.55 -30.63 -7.43
C ILE B 215 8.63 -31.18 -6.35
N TRP B 216 7.74 -32.07 -6.76
CA TRP B 216 6.77 -32.60 -5.82
C TRP B 216 6.40 -34.06 -6.03
N GLU B 217 6.65 -34.84 -4.99
CA GLU B 217 6.29 -36.26 -4.96
C GLU B 217 5.70 -36.41 -3.58
N ALA B 218 4.39 -36.66 -3.51
CA ALA B 218 3.76 -36.74 -2.21
C ALA B 218 2.34 -37.28 -2.14
N ASN B 219 1.91 -37.48 -0.91
CA ASN B 219 0.56 -37.92 -0.58
C ASN B 219 0.22 -37.15 0.70
N SER B 220 -0.82 -37.55 1.41
CA SER B 220 -1.21 -36.84 2.62
C SER B 220 -0.29 -37.07 3.82
N ILE B 221 0.63 -38.02 3.68
CA ILE B 221 1.55 -38.35 4.77
C ILE B 221 2.97 -37.80 4.63
N SER B 222 3.53 -37.93 3.44
CA SER B 222 4.90 -37.47 3.19
C SER B 222 5.05 -36.73 1.86
N GLU B 223 6.09 -35.90 1.77
CA GLU B 223 6.38 -35.14 0.57
C GLU B 223 7.88 -35.02 0.42
N ALA B 224 8.36 -35.00 -0.83
CA ALA B 224 9.79 -34.91 -1.09
C ALA B 224 10.11 -34.05 -2.31
N LEU B 225 11.26 -33.37 -2.24
CA LEU B 225 11.79 -32.49 -3.29
C LEU B 225 13.09 -33.16 -3.72
N THR B 226 13.23 -33.47 -5.02
CA THR B 226 14.43 -34.21 -5.43
C THR B 226 15.01 -34.00 -6.84
N PRO B 227 16.16 -33.31 -6.95
CA PRO B 227 16.80 -33.10 -8.26
C PRO B 227 17.56 -34.39 -8.65
N HIS B 228 17.48 -34.78 -9.93
CA HIS B 228 18.16 -36.00 -10.43
C HIS B 228 19.05 -35.69 -11.64
N PRO B 229 20.37 -35.62 -11.46
CA PRO B 229 21.31 -35.35 -12.55
C PRO B 229 21.58 -36.57 -13.44
N CYS B 230 21.97 -36.31 -14.70
CA CYS B 230 22.33 -37.35 -15.68
C CYS B 230 23.54 -36.82 -16.44
N THR B 231 24.48 -37.68 -16.80
CA THR B 231 25.67 -37.23 -17.51
C THR B 231 25.36 -36.79 -18.94
N THR B 232 24.21 -37.21 -19.45
CA THR B 232 23.72 -36.77 -20.75
C THR B 232 22.49 -36.01 -20.27
N VAL B 233 22.49 -34.69 -20.44
CA VAL B 233 21.40 -33.86 -19.94
C VAL B 233 20.02 -34.18 -20.47
N GLY B 234 19.88 -34.24 -21.79
CA GLY B 234 18.59 -34.52 -22.40
C GLY B 234 18.27 -35.97 -22.66
N GLN B 235 17.15 -36.18 -23.35
CA GLN B 235 16.67 -37.52 -23.68
C GLN B 235 17.70 -38.34 -24.44
N GLU B 236 17.90 -39.57 -23.96
CA GLU B 236 18.85 -40.48 -24.58
C GLU B 236 18.44 -41.91 -24.28
N ILE B 237 18.48 -42.75 -25.30
CA ILE B 237 18.11 -44.14 -25.15
C ILE B 237 19.21 -44.91 -24.42
N CYS B 238 18.82 -45.96 -23.71
CA CYS B 238 19.78 -46.82 -22.99
C CYS B 238 19.41 -48.26 -23.31
N GLU B 239 20.36 -49.18 -23.10
CA GLU B 239 20.10 -50.58 -23.41
C GLU B 239 20.40 -51.50 -22.24
N GLY B 240 19.44 -52.37 -21.93
CA GLY B 240 19.60 -53.33 -20.85
C GLY B 240 20.20 -52.79 -19.56
N ASP B 241 21.25 -53.46 -19.09
CA ASP B 241 21.95 -53.08 -17.85
C ASP B 241 22.46 -51.65 -17.88
N GLY B 242 22.70 -51.13 -19.07
CA GLY B 242 23.18 -49.77 -19.20
C GLY B 242 22.20 -48.78 -18.61
N CYS B 243 20.94 -49.18 -18.54
CA CYS B 243 19.88 -48.34 -17.99
C CYS B 243 19.94 -48.27 -16.46
N GLY B 244 20.68 -49.19 -15.86
CA GLY B 244 20.78 -49.23 -14.42
C GLY B 244 21.85 -48.35 -13.78
N GLY B 245 21.76 -47.05 -14.00
CA GLY B 245 22.72 -46.13 -13.41
C GLY B 245 23.93 -45.81 -14.26
N GLY B 246 23.86 -46.12 -15.55
CA GLY B 246 24.99 -45.84 -16.42
C GLY B 246 25.20 -44.36 -16.65
N THR B 247 24.10 -43.62 -16.82
CA THR B 247 24.17 -42.19 -17.10
C THR B 247 23.33 -41.29 -16.18
N CYS B 248 22.35 -41.86 -15.50
CA CYS B 248 21.48 -41.10 -14.62
C CYS B 248 21.51 -41.52 -13.16
N ASP B 249 21.11 -40.58 -12.30
CA ASP B 249 21.03 -40.81 -10.87
C ASP B 249 19.57 -41.03 -10.51
N PRO B 250 19.17 -42.30 -10.32
CA PRO B 250 17.78 -42.66 -9.97
C PRO B 250 17.37 -42.37 -8.52
N ASP B 251 18.33 -42.11 -7.65
CA ASP B 251 18.03 -41.83 -6.25
C ASP B 251 17.83 -40.34 -6.00
N GLY B 252 18.77 -39.54 -6.48
CA GLY B 252 18.69 -38.09 -6.32
C GLY B 252 19.05 -37.59 -4.93
N CYS B 253 19.15 -36.26 -4.82
CA CYS B 253 19.44 -35.61 -3.55
C CYS B 253 18.06 -35.18 -3.05
N ASP B 254 17.40 -36.09 -2.34
CA ASP B 254 16.05 -35.87 -1.85
C ASP B 254 15.95 -35.12 -0.54
N TRP B 255 14.91 -34.29 -0.43
CA TRP B 255 14.65 -33.55 0.79
C TRP B 255 13.20 -33.82 1.20
N ASN B 256 13.05 -34.63 2.25
CA ASN B 256 11.76 -35.01 2.82
C ASN B 256 11.84 -34.49 4.25
N PRO B 257 11.04 -33.47 4.60
CA PRO B 257 11.07 -32.92 5.96
C PRO B 257 10.91 -33.95 7.08
N TYR B 258 10.07 -34.95 6.85
CA TYR B 258 9.82 -35.99 7.83
C TYR B 258 11.08 -36.85 7.99
N ARG B 259 11.66 -37.24 6.86
CA ARG B 259 12.86 -38.08 6.86
C ARG B 259 14.02 -37.36 7.55
N LEU B 260 14.06 -36.03 7.45
CA LEU B 260 15.14 -35.26 8.06
C LEU B 260 14.94 -34.97 9.55
N GLY B 261 13.81 -35.41 10.11
CA GLY B 261 13.57 -35.21 11.52
C GLY B 261 12.36 -34.43 11.95
N ASN B 262 11.80 -33.60 11.05
CA ASN B 262 10.63 -32.83 11.44
C ASN B 262 9.35 -33.58 11.08
N THR B 263 8.89 -34.43 12.00
CA THR B 263 7.70 -35.24 11.79
C THR B 263 6.40 -34.48 12.11
N SER B 264 6.52 -33.20 12.43
CA SER B 264 5.36 -32.37 12.76
C SER B 264 5.03 -31.32 11.71
N PHE B 265 5.84 -31.26 10.66
CA PHE B 265 5.63 -30.24 9.63
C PHE B 265 4.53 -30.49 8.61
N TYR B 266 4.43 -31.70 8.11
CA TYR B 266 3.48 -32.03 7.06
C TYR B 266 2.68 -33.30 7.35
N GLY B 267 1.38 -33.15 7.49
CA GLY B 267 0.52 -34.30 7.77
C GLY B 267 -0.94 -33.93 7.89
N PRO B 268 -1.83 -34.94 7.98
CA PRO B 268 -3.28 -34.75 8.08
C PRO B 268 -3.74 -34.18 9.43
N GLY B 269 -4.44 -33.06 9.40
CA GLY B 269 -4.94 -32.49 10.63
C GLY B 269 -4.22 -31.25 11.11
N SER B 270 -4.80 -30.62 12.12
CA SER B 270 -4.24 -29.40 12.68
C SER B 270 -3.02 -29.60 13.58
N SER B 271 -2.60 -30.85 13.78
CA SER B 271 -1.43 -31.10 14.63
C SER B 271 -0.15 -31.03 13.79
N PHE B 272 -0.28 -30.52 12.58
CA PHE B 272 0.84 -30.38 11.66
C PHE B 272 0.96 -28.92 11.21
N THR B 273 2.18 -28.49 10.90
CA THR B 273 2.40 -27.12 10.46
C THR B 273 1.58 -26.89 9.20
N LEU B 274 1.61 -27.87 8.31
CA LEU B 274 0.84 -27.83 7.07
C LEU B 274 -0.18 -28.95 7.19
N ASP B 275 -1.46 -28.58 7.18
CA ASP B 275 -2.58 -29.51 7.29
C ASP B 275 -2.85 -30.10 5.92
N THR B 276 -2.50 -31.37 5.70
CA THR B 276 -2.72 -31.98 4.39
C THR B 276 -4.16 -32.31 4.02
N THR B 277 -5.11 -32.05 4.92
CA THR B 277 -6.51 -32.31 4.59
C THR B 277 -7.01 -31.08 3.83
N LYS B 278 -6.15 -30.08 3.74
CA LYS B 278 -6.50 -28.84 3.05
C LYS B 278 -5.47 -28.45 2.00
N LYS B 279 -5.91 -27.68 1.01
CA LYS B 279 -5.05 -27.25 -0.07
C LYS B 279 -3.88 -26.41 0.46
N LEU B 280 -2.74 -26.50 -0.21
CA LEU B 280 -1.56 -25.72 0.19
C LEU B 280 -0.81 -25.23 -1.04
N THR B 281 -0.04 -24.16 -0.86
CA THR B 281 0.75 -23.58 -1.95
C THR B 281 2.21 -23.98 -1.76
N VAL B 282 2.84 -24.44 -2.83
CA VAL B 282 4.23 -24.88 -2.81
C VAL B 282 5.06 -24.06 -3.81
N VAL B 283 6.07 -23.36 -3.31
CA VAL B 283 6.92 -22.54 -4.19
C VAL B 283 8.36 -23.04 -4.14
N THR B 284 8.96 -23.24 -5.32
CA THR B 284 10.32 -23.74 -5.43
C THR B 284 11.16 -22.81 -6.29
N GLN B 285 12.28 -22.36 -5.74
CA GLN B 285 13.16 -21.41 -6.41
C GLN B 285 14.50 -22.00 -6.82
N PHE B 286 14.90 -21.73 -8.06
CA PHE B 286 16.16 -22.24 -8.57
C PHE B 286 17.16 -21.11 -8.80
N GLU B 287 17.87 -20.71 -7.74
CA GLU B 287 18.85 -19.63 -7.84
C GLU B 287 20.00 -20.04 -8.75
N THR B 288 20.66 -19.04 -9.33
CA THR B 288 21.77 -19.28 -10.25
C THR B 288 22.95 -20.08 -9.71
N SER B 289 23.11 -20.15 -8.39
CA SER B 289 24.22 -20.92 -7.82
C SER B 289 24.01 -22.41 -8.07
N GLY B 290 22.75 -22.79 -8.29
CA GLY B 290 22.42 -24.18 -8.53
C GLY B 290 21.69 -24.78 -7.34
N ALA B 291 21.62 -24.03 -6.25
CA ALA B 291 20.92 -24.50 -5.05
C ALA B 291 19.41 -24.34 -5.26
N ILE B 292 18.62 -25.00 -4.42
CA ILE B 292 17.18 -24.92 -4.53
C ILE B 292 16.55 -24.51 -3.20
N ASN B 293 15.70 -23.49 -3.26
CA ASN B 293 15.02 -23.01 -2.07
C ASN B 293 13.55 -23.30 -2.17
N ARG B 294 12.91 -23.43 -1.00
CA ARG B 294 11.51 -23.79 -0.93
C ARG B 294 10.76 -23.14 0.23
N TYR B 295 9.53 -22.72 -0.04
CA TYR B 295 8.69 -22.17 1.00
C TYR B 295 7.26 -22.56 0.67
N TYR B 296 6.40 -22.58 1.68
CA TYR B 296 5.01 -22.97 1.48
C TYR B 296 4.06 -21.91 2.03
N VAL B 297 2.83 -21.95 1.56
CA VAL B 297 1.83 -21.02 2.05
C VAL B 297 0.50 -21.74 2.25
N GLN B 298 -0.10 -21.57 3.42
CA GLN B 298 -1.39 -22.19 3.67
C GLN B 298 -2.20 -21.26 4.57
N ASN B 299 -3.41 -20.95 4.13
CA ASN B 299 -4.30 -20.07 4.88
C ASN B 299 -3.62 -18.72 5.11
N GLY B 300 -2.84 -18.28 4.14
CA GLY B 300 -2.18 -16.98 4.25
C GLY B 300 -0.93 -16.94 5.11
N VAL B 301 -0.53 -18.08 5.68
CA VAL B 301 0.67 -18.12 6.52
C VAL B 301 1.81 -18.74 5.72
N THR B 302 2.96 -18.08 5.74
CA THR B 302 4.12 -18.55 4.98
C THR B 302 5.14 -19.29 5.85
N PHE B 303 5.66 -20.38 5.32
CA PHE B 303 6.65 -21.22 6.01
C PHE B 303 7.81 -21.56 5.08
N GLN B 304 9.03 -21.24 5.49
CA GLN B 304 10.19 -21.59 4.66
C GLN B 304 10.33 -23.10 4.88
N GLN B 305 11.09 -23.76 4.01
CA GLN B 305 11.34 -25.19 4.18
C GLN B 305 11.88 -25.31 5.60
N PRO B 306 11.39 -26.25 6.40
CA PRO B 306 11.91 -26.36 7.78
C PRO B 306 13.41 -26.66 7.85
N ASN B 307 14.07 -26.11 8.87
CA ASN B 307 15.49 -26.34 9.04
C ASN B 307 15.80 -27.79 9.36
N ALA B 308 16.98 -28.24 8.93
CA ALA B 308 17.41 -29.60 9.18
C ALA B 308 18.90 -29.59 9.50
N GLU B 309 19.31 -30.51 10.37
CA GLU B 309 20.71 -30.65 10.74
C GLU B 309 21.07 -32.07 10.33
N LEU B 310 22.08 -32.19 9.48
CA LEU B 310 22.50 -33.50 9.00
C LEU B 310 24.01 -33.47 8.91
N GLY B 311 24.68 -34.19 9.81
CA GLY B 311 26.13 -34.17 9.81
C GLY B 311 26.58 -32.76 10.08
N SER B 312 27.42 -32.21 9.21
CA SER B 312 27.92 -30.85 9.39
C SER B 312 27.03 -29.80 8.71
N TYR B 313 25.97 -30.28 8.05
CA TYR B 313 25.04 -29.38 7.38
C TYR B 313 23.96 -28.88 8.33
N SER B 314 23.58 -27.62 8.14
CA SER B 314 22.52 -27.01 8.94
C SER B 314 21.90 -25.90 8.09
N GLY B 315 20.58 -25.98 7.89
CA GLY B 315 19.91 -24.97 7.09
C GLY B 315 18.63 -25.53 6.48
N ASN B 316 18.02 -24.78 5.57
CA ASN B 316 16.79 -25.21 4.92
C ASN B 316 16.90 -25.14 3.39
N GLU B 317 18.11 -24.91 2.90
CA GLU B 317 18.37 -24.83 1.47
C GLU B 317 18.97 -26.12 0.94
N LEU B 318 18.45 -26.61 -0.18
CA LEU B 318 18.98 -27.84 -0.78
C LEU B 318 20.17 -27.39 -1.64
N ASN B 319 21.37 -27.49 -1.07
CA ASN B 319 22.60 -27.07 -1.76
C ASN B 319 23.66 -28.17 -1.79
N ASP B 320 24.85 -27.85 -2.29
CA ASP B 320 25.93 -28.84 -2.37
C ASP B 320 26.24 -29.45 -1.01
N ASP B 321 26.35 -28.61 0.02
CA ASP B 321 26.65 -29.11 1.36
C ASP B 321 25.61 -30.10 1.85
N TYR B 322 24.33 -29.81 1.59
CA TYR B 322 23.27 -30.71 2.02
C TYR B 322 23.39 -32.07 1.33
N CYS B 323 23.48 -32.04 0.01
CA CYS B 323 23.58 -33.27 -0.77
C CYS B 323 24.80 -34.09 -0.40
N THR B 324 25.91 -33.43 -0.10
CA THR B 324 27.13 -34.14 0.28
C THR B 324 26.95 -34.75 1.67
N ALA B 325 26.34 -34.00 2.57
CA ALA B 325 26.11 -34.45 3.93
C ALA B 325 25.15 -35.64 3.91
N GLU B 326 24.13 -35.56 3.06
CA GLU B 326 23.17 -36.65 2.98
C GLU B 326 23.83 -37.96 2.53
N GLU B 327 24.66 -37.90 1.50
CA GLU B 327 25.32 -39.13 1.06
C GLU B 327 26.22 -39.67 2.17
N ALA B 328 26.87 -38.75 2.88
CA ALA B 328 27.76 -39.16 3.96
C ALA B 328 27.02 -39.77 5.14
N GLU B 329 25.88 -39.20 5.51
CA GLU B 329 25.09 -39.69 6.63
C GLU B 329 24.09 -40.79 6.29
N PHE B 330 23.41 -40.68 5.16
CA PHE B 330 22.42 -41.69 4.76
C PHE B 330 23.00 -42.76 3.85
N GLY B 331 24.01 -42.39 3.06
CA GLY B 331 24.62 -43.35 2.17
C GLY B 331 24.34 -43.11 0.70
N GLY B 332 25.12 -43.77 -0.16
CA GLY B 332 24.95 -43.60 -1.59
C GLY B 332 25.95 -42.67 -2.24
N SER B 333 26.15 -42.84 -3.54
CA SER B 333 27.10 -41.99 -4.28
C SER B 333 26.54 -41.65 -5.66
N SER B 334 25.33 -42.12 -5.95
CA SER B 334 24.71 -41.88 -7.25
C SER B 334 24.63 -40.42 -7.64
N PHE B 335 24.10 -39.58 -6.75
CA PHE B 335 23.95 -38.15 -7.01
C PHE B 335 25.28 -37.48 -7.33
N SER B 336 26.28 -37.70 -6.48
CA SER B 336 27.59 -37.08 -6.71
C SER B 336 28.30 -37.68 -7.91
N ASP B 337 28.15 -38.99 -8.15
CA ASP B 337 28.81 -39.61 -9.30
C ASP B 337 28.32 -38.98 -10.60
N LYS B 338 27.02 -38.64 -10.64
CA LYS B 338 26.45 -38.06 -11.84
C LYS B 338 26.59 -36.54 -11.97
N GLY B 339 27.44 -35.94 -11.15
CA GLY B 339 27.67 -34.51 -11.27
C GLY B 339 27.04 -33.59 -10.24
N GLY B 340 26.17 -34.10 -9.38
CA GLY B 340 25.55 -33.26 -8.37
C GLY B 340 24.78 -32.08 -8.92
N LEU B 341 24.65 -31.03 -8.12
CA LEU B 341 23.93 -29.83 -8.53
C LEU B 341 24.56 -29.06 -9.69
N THR B 342 25.87 -29.21 -9.87
CA THR B 342 26.51 -28.50 -10.98
C THR B 342 26.05 -29.12 -12.30
N GLN B 343 25.98 -30.45 -12.34
CA GLN B 343 25.54 -31.13 -13.55
C GLN B 343 24.05 -30.92 -13.73
N PHE B 344 23.34 -30.80 -12.61
CA PHE B 344 21.90 -30.61 -12.69
C PHE B 344 21.57 -29.22 -13.23
N LYS B 345 22.43 -28.25 -12.95
CA LYS B 345 22.20 -26.89 -13.40
C LYS B 345 22.17 -26.83 -14.94
N LYS B 346 22.79 -27.81 -15.59
CA LYS B 346 22.78 -27.82 -17.06
C LYS B 346 21.35 -28.09 -17.52
N ALA B 347 20.61 -28.87 -16.74
CA ALA B 347 19.21 -29.20 -17.06
C ALA B 347 18.30 -28.00 -16.85
N THR B 348 18.43 -27.35 -15.69
CA THR B 348 17.59 -26.20 -15.38
C THR B 348 17.94 -24.98 -16.24
N SER B 349 19.15 -24.97 -16.79
CA SER B 349 19.60 -23.89 -17.65
C SER B 349 18.97 -24.05 -19.03
N GLY B 350 18.58 -25.28 -19.35
CA GLY B 350 17.96 -25.57 -20.63
C GLY B 350 16.46 -25.69 -20.46
N GLY B 351 15.78 -26.19 -21.48
CA GLY B 351 14.33 -26.33 -21.37
C GLY B 351 13.89 -27.66 -20.78
N MET B 352 12.85 -27.62 -19.95
CA MET B 352 12.31 -28.83 -19.34
C MET B 352 10.80 -28.81 -19.46
N VAL B 353 10.20 -30.00 -19.58
CA VAL B 353 8.76 -30.13 -19.72
C VAL B 353 8.07 -30.44 -18.39
N LEU B 354 6.94 -29.78 -18.15
CA LEU B 354 6.17 -29.98 -16.92
C LEU B 354 5.34 -31.26 -16.99
N VAL B 355 5.49 -32.08 -15.96
CA VAL B 355 4.77 -33.35 -15.89
C VAL B 355 3.94 -33.39 -14.61
N MET B 356 2.72 -33.92 -14.71
CA MET B 356 1.85 -34.09 -13.55
C MET B 356 1.29 -35.49 -13.63
N SER B 357 1.39 -36.23 -12.52
CA SER B 357 0.92 -37.61 -12.53
C SER B 357 0.39 -38.10 -11.19
N LEU B 358 -0.19 -39.30 -11.23
CA LEU B 358 -0.71 -39.97 -10.05
C LEU B 358 -0.38 -41.44 -10.29
N TRP B 359 0.33 -42.03 -9.35
CA TRP B 359 0.70 -43.43 -9.51
C TRP B 359 0.86 -44.17 -8.20
N ASP B 360 0.79 -45.50 -8.30
CA ASP B 360 1.05 -46.34 -7.15
C ASP B 360 2.31 -47.09 -7.60
N ASP B 361 3.05 -47.62 -6.64
CA ASP B 361 4.35 -48.23 -6.91
C ASP B 361 4.42 -49.76 -6.86
N TYR B 362 4.51 -50.38 -8.04
CA TYR B 362 4.59 -51.84 -8.14
C TYR B 362 5.95 -52.43 -7.76
N TYR B 363 6.96 -51.57 -7.64
CA TYR B 363 8.29 -52.06 -7.27
C TYR B 363 8.52 -52.03 -5.77
N ALA B 364 8.22 -50.90 -5.14
CA ALA B 364 8.44 -50.76 -3.70
C ALA B 364 7.27 -50.24 -2.87
N ASN B 365 6.06 -50.31 -3.40
CA ASN B 365 4.85 -49.88 -2.68
C ASN B 365 4.90 -48.47 -2.09
N MET B 366 5.74 -47.62 -2.68
CA MET B 366 5.89 -46.22 -2.24
C MET B 366 6.44 -46.10 -0.81
N LEU B 367 7.03 -47.18 -0.31
CA LEU B 367 7.59 -47.18 1.04
C LEU B 367 8.76 -46.21 1.18
N TRP B 368 9.48 -46.00 0.09
CA TRP B 368 10.62 -45.08 0.08
C TRP B 368 10.18 -43.64 0.36
N LEU B 369 8.88 -43.38 0.18
CA LEU B 369 8.33 -42.05 0.38
C LEU B 369 7.65 -41.82 1.72
N ASP B 370 6.78 -42.75 2.11
CA ASP B 370 5.99 -42.58 3.32
C ASP B 370 6.13 -43.61 4.44
N SER B 371 7.12 -44.48 4.38
CA SER B 371 7.26 -45.50 5.41
C SER B 371 8.72 -45.68 5.82
N THR B 372 9.05 -46.86 6.35
CA THR B 372 10.42 -47.17 6.74
C THR B 372 10.93 -48.03 5.59
N TYR B 373 12.08 -47.65 5.03
CA TYR B 373 12.59 -48.38 3.87
C TYR B 373 14.11 -48.39 3.78
N PRO B 374 14.71 -49.58 3.54
CA PRO B 374 14.06 -50.88 3.37
C PRO B 374 13.32 -51.27 4.64
N THR B 375 12.29 -52.09 4.51
CA THR B 375 11.47 -52.48 5.65
C THR B 375 12.17 -53.20 6.79
N ASN B 376 13.38 -53.73 6.55
CA ASN B 376 14.09 -54.44 7.60
C ASN B 376 14.85 -53.47 8.51
N GLU B 377 15.00 -52.23 8.09
CA GLU B 377 15.72 -51.24 8.88
C GLU B 377 14.84 -50.72 10.01
N THR B 378 15.47 -50.11 11.01
CA THR B 378 14.73 -49.55 12.14
C THR B 378 14.98 -48.05 12.19
N SER B 379 14.36 -47.38 13.15
CA SER B 379 14.53 -45.94 13.30
C SER B 379 15.98 -45.58 13.63
N SER B 380 16.78 -46.58 13.99
CA SER B 380 18.19 -46.33 14.32
C SER B 380 19.05 -46.21 13.07
N THR B 381 18.51 -46.62 11.93
CA THR B 381 19.25 -46.52 10.67
C THR B 381 19.00 -45.12 10.14
N PRO B 382 20.05 -44.31 9.96
CA PRO B 382 19.89 -42.95 9.45
C PRO B 382 19.10 -42.89 8.14
N GLY B 383 18.04 -42.07 8.15
CA GLY B 383 17.22 -41.89 6.97
C GLY B 383 16.28 -43.03 6.59
N ALA B 384 16.21 -44.07 7.41
CA ALA B 384 15.34 -45.20 7.08
C ALA B 384 13.86 -44.84 7.15
N VAL B 385 13.47 -44.05 8.14
CA VAL B 385 12.07 -43.66 8.30
C VAL B 385 11.74 -42.40 7.50
N ARG B 386 10.82 -42.53 6.54
CA ARG B 386 10.45 -41.38 5.70
C ARG B 386 9.03 -40.90 5.92
N GLY B 387 8.24 -41.68 6.67
CA GLY B 387 6.86 -41.33 6.93
C GLY B 387 6.25 -42.26 7.96
N SER B 388 5.00 -42.03 8.33
CA SER B 388 4.33 -42.83 9.35
C SER B 388 3.52 -44.03 8.84
N CYS B 389 3.55 -44.26 7.53
CA CYS B 389 2.83 -45.39 6.94
C CYS B 389 3.47 -46.72 7.32
N SER B 390 2.62 -47.75 7.48
CA SER B 390 3.10 -49.08 7.82
C SER B 390 3.94 -49.65 6.69
N THR B 391 4.95 -50.45 7.03
CA THR B 391 5.80 -51.07 6.02
C THR B 391 4.98 -52.10 5.21
N SER B 392 3.73 -52.30 5.60
CA SER B 392 2.84 -53.24 4.89
C SER B 392 1.92 -52.49 3.95
N SER B 393 2.06 -51.17 3.89
CA SER B 393 1.19 -50.35 3.06
C SER B 393 1.60 -50.26 1.61
N GLY B 394 0.69 -49.73 0.79
CA GLY B 394 0.99 -49.52 -0.61
C GLY B 394 0.95 -50.66 -1.60
N VAL B 395 0.49 -51.84 -1.22
CA VAL B 395 0.41 -52.92 -2.20
C VAL B 395 -0.56 -52.43 -3.26
N PRO B 396 -0.12 -52.38 -4.54
CA PRO B 396 -0.98 -51.92 -5.63
C PRO B 396 -2.40 -52.50 -5.66
N ALA B 397 -2.50 -53.83 -5.72
CA ALA B 397 -3.81 -54.48 -5.77
C ALA B 397 -4.71 -54.06 -4.61
N GLN B 398 -4.13 -53.90 -3.43
CA GLN B 398 -4.91 -53.53 -2.26
C GLN B 398 -5.37 -52.07 -2.26
N VAL B 399 -4.46 -51.13 -2.50
CA VAL B 399 -4.88 -49.73 -2.49
C VAL B 399 -5.80 -49.42 -3.67
N GLU B 400 -5.62 -50.14 -4.77
CA GLU B 400 -6.47 -49.93 -5.94
C GLU B 400 -7.91 -50.37 -5.67
N SER B 401 -8.08 -51.40 -4.84
CA SER B 401 -9.42 -51.87 -4.52
C SER B 401 -10.03 -51.11 -3.35
N GLN B 402 -9.19 -50.68 -2.41
CA GLN B 402 -9.68 -49.97 -1.23
C GLN B 402 -9.84 -48.46 -1.38
N SER B 403 -9.02 -47.85 -2.24
CA SER B 403 -9.06 -46.41 -2.44
C SER B 403 -9.14 -46.02 -3.92
N PRO B 404 -10.09 -46.60 -4.67
CA PRO B 404 -10.22 -46.28 -6.09
C PRO B 404 -10.54 -44.82 -6.35
N ASN B 405 -11.18 -44.16 -5.40
CA ASN B 405 -11.55 -42.76 -5.56
C ASN B 405 -10.50 -41.76 -5.13
N ALA B 406 -9.33 -42.26 -4.76
CA ALA B 406 -8.25 -41.37 -4.36
C ALA B 406 -8.00 -40.48 -5.58
N LYS B 407 -7.47 -39.28 -5.35
CA LYS B 407 -7.18 -38.37 -6.45
C LYS B 407 -6.27 -37.26 -5.98
N VAL B 408 -5.69 -36.53 -6.93
CA VAL B 408 -4.84 -35.40 -6.63
C VAL B 408 -5.30 -34.23 -7.49
N THR B 409 -5.25 -33.03 -6.93
CA THR B 409 -5.65 -31.84 -7.67
C THR B 409 -4.55 -30.78 -7.63
N PHE B 410 -4.06 -30.44 -8.81
CA PHE B 410 -3.02 -29.42 -8.97
C PHE B 410 -3.72 -28.19 -9.54
N SER B 411 -3.33 -27.01 -9.06
CA SER B 411 -3.96 -25.80 -9.57
C SER B 411 -3.10 -24.56 -9.37
N ASN B 412 -3.57 -23.46 -9.94
CA ASN B 412 -2.92 -22.17 -9.84
C ASN B 412 -1.41 -22.22 -10.07
N ILE B 413 -1.01 -22.76 -11.21
CA ILE B 413 0.41 -22.82 -11.57
C ILE B 413 0.89 -21.43 -11.94
N LYS B 414 2.01 -21.02 -11.37
CA LYS B 414 2.58 -19.71 -11.66
C LYS B 414 4.08 -19.88 -11.83
N PHE B 415 4.63 -19.25 -12.87
CA PHE B 415 6.05 -19.36 -13.19
C PHE B 415 6.63 -17.99 -13.56
N GLY B 416 7.84 -17.71 -13.08
CA GLY B 416 8.47 -16.45 -13.39
C GLY B 416 9.74 -16.24 -12.61
N PRO B 417 10.37 -15.07 -12.74
CA PRO B 417 11.60 -14.79 -12.01
C PRO B 417 11.45 -15.00 -10.50
N ILE B 418 12.52 -15.41 -9.85
CA ILE B 418 12.48 -15.60 -8.41
C ILE B 418 11.89 -14.36 -7.74
N GLY B 419 10.97 -14.59 -6.83
CA GLY B 419 10.33 -13.49 -6.10
C GLY B 419 9.14 -12.83 -6.80
N SER B 420 8.74 -13.36 -7.96
CA SER B 420 7.64 -12.76 -8.71
C SER B 420 6.29 -13.47 -8.68
N THR B 421 6.25 -14.76 -8.36
CA THR B 421 4.97 -15.47 -8.39
C THR B 421 4.00 -15.22 -7.25
N GLY B 422 4.41 -14.42 -6.27
CA GLY B 422 3.53 -14.12 -5.16
C GLY B 422 2.67 -12.91 -5.47
N ASN B 423 2.97 -12.25 -6.59
CA ASN B 423 2.19 -11.09 -6.99
C ASN B 423 0.87 -11.52 -7.62
N PRO B 424 -0.10 -10.60 -7.70
CA PRO B 424 -1.43 -10.86 -8.27
C PRO B 424 -1.47 -11.50 -9.65
N SER B 425 -2.28 -12.56 -9.77
CA SER B 425 -2.44 -13.26 -11.03
C SER B 425 -3.22 -12.39 -12.01
N GLY B 426 -2.84 -12.44 -13.28
CA GLY B 426 -3.50 -11.67 -14.30
C GLY B 426 -4.82 -12.30 -14.72
#